data_5V33
#
_entry.id   5V33
#
_cell.length_a   102.332
_cell.length_b   102.332
_cell.length_c   240.333
_cell.angle_alpha   90.000
_cell.angle_beta   90.000
_cell.angle_gamma   90.000
#
_symmetry.space_group_name_H-M   'P 42 21 2'
#
loop_
_entity.id
_entity.type
_entity.pdbx_description
1 polymer 'Reaction center protein H chain'
2 polymer 'Reaction center protein L chain'
3 polymer 'Reaction center protein M chain'
4 non-polymer 'BACTERIOPHEOPHYTIN A'
5 non-polymer 'BACTERIOCHLOROPHYLL A'
6 non-polymer 'FE (III) ION'
7 non-polymer UBIQUINONE-10
#
loop_
_entity_poly.entity_id
_entity_poly.type
_entity_poly.pdbx_seq_one_letter_code
_entity_poly.pdbx_strand_id
1 'polypeptide(L)'
;DLASLAIYSFWIFLAGLIYYLQTENMREGYPLENEDGTPAANQGPFPLPKPKTFILPHGRGTLTVPGPESEDRPIALART
AVSEGFPHAPTGDPMKDGVGPASWVARRDLPELDGHGHNKIKPMKAAAGFHVSAGKNPIGLPVRGCDLEIAGKVVDIWVD
IPEQMARFLEVELKDGSTRLLPMQMVKVQSNRVHVNALSSDLFAGIPTIKSPTEVTLLEEDKICGYVAGGLMYAAPKRKS
;
H
2 'polypeptide(L)'
;ALLSFERKYRVPGGTLVGGNLFDFWVGPFYVGFFGVATFFFAALGIILIAWSAVLQGTWNPQLISVYPPALEYGLGGAPL
AKGGLWQIITICATGAFVSWALREVEICRKLGIGYHIPFAFAFAILAYLTLVLFRPVMMGAWGYAFPYGIWTHLDWVSNT
GYTYGNFHYNPAHMIAISFFFTNALALALHGALVLSAANPEKGKEMRTPDHEDTFFRDLVGYWIGTLGIHRLGLLLSLSA
VFFSALCMIITGTIWFDQWVDWWQWWVKLPWWANIPGGING
;
L
3 'polypeptide(L)'
;AEYQNIFSQVQVRGPADLGMTEDVNLANRSGVGPFSTLLGWFGNAQLGPIYLGSLGVLSLFSGLMWFFTIGIWFWYQAGW
NPAVFLRDLFFFSLEPPAPEYGLSFAAPLKEGGLWLIASFFMFVAVWSWWGRTYLRAQALGMGKHTAWAFLSAIWLWMVL
GFIRPILMGSWSEAVPYGIFSHLDWTNNFSLVHGNLFYNPFHGLSIAFLYGSALLFAMHGATILAVSRFGGERELEQIAD
RGTAAERAALFWRWTMGFNATMEGIHRWAIWMAVLVTLTGGIGILLSGTVVDNWYVWGQNHG
;
M
#
loop_
_chem_comp.id
_chem_comp.type
_chem_comp.name
_chem_comp.formula
BCL non-polymer 'BACTERIOCHLOROPHYLL A' 'C55 H74 Mg N4 O6'
BPH non-polymer 'BACTERIOPHEOPHYTIN A' 'C55 H76 N4 O6'
FE non-polymer 'FE (III) ION' 'Fe 3'
U10 non-polymer UBIQUINONE-10 'C59 H90 O4'
#
# COMPACT_ATOMS: atom_id res chain seq x y z
N ASP A 1 -27.49 27.18 -2.66
CA ASP A 1 -27.50 25.72 -2.65
C ASP A 1 -26.44 25.14 -1.71
N LEU A 2 -26.90 24.31 -0.76
CA LEU A 2 -26.03 23.75 0.28
C LEU A 2 -25.03 22.74 -0.27
N ALA A 3 -25.44 21.98 -1.27
CA ALA A 3 -24.59 20.98 -1.90
C ALA A 3 -23.32 21.58 -2.48
N SER A 4 -23.45 22.74 -3.11
CA SER A 4 -22.31 23.44 -3.67
C SER A 4 -21.38 23.95 -2.57
N LEU A 5 -21.97 24.41 -1.48
CA LEU A 5 -21.20 24.96 -0.37
C LEU A 5 -20.28 23.92 0.26
N ALA A 6 -20.78 22.70 0.41
CA ALA A 6 -20.05 21.64 1.07
C ALA A 6 -18.80 21.24 0.31
N ILE A 7 -18.90 21.19 -1.02
CA ILE A 7 -17.77 20.77 -1.83
C ILE A 7 -16.72 21.88 -1.95
N TYR A 8 -17.17 23.14 -1.92
CA TYR A 8 -16.25 24.27 -1.98
C TYR A 8 -15.43 24.34 -0.69
N SER A 9 -16.07 24.01 0.43
CA SER A 9 -15.43 24.03 1.72
C SER A 9 -14.40 22.93 1.85
N PHE A 10 -14.69 21.77 1.25
CA PHE A 10 -13.80 20.62 1.36
C PHE A 10 -12.49 20.87 0.62
N TRP A 11 -12.57 21.52 -0.54
CA TRP A 11 -11.37 21.82 -1.32
C TRP A 11 -10.40 22.70 -0.53
N ILE A 12 -10.96 23.60 0.28
CA ILE A 12 -10.15 24.45 1.14
C ILE A 12 -9.42 23.60 2.17
N PHE A 13 -10.15 22.66 2.76
CA PHE A 13 -9.57 21.73 3.72
C PHE A 13 -8.51 20.85 3.07
N LEU A 14 -8.81 20.36 1.87
CA LEU A 14 -7.90 19.50 1.14
C LEU A 14 -6.60 20.22 0.79
N ALA A 15 -6.72 21.49 0.40
CA ALA A 15 -5.54 22.30 0.09
C ALA A 15 -4.69 22.52 1.33
N GLY A 16 -5.34 22.79 2.45
CA GLY A 16 -4.65 22.99 3.71
C GLY A 16 -4.02 21.71 4.19
N LEU A 17 -4.70 20.59 3.97
CA LEU A 17 -4.19 19.27 4.35
C LEU A 17 -2.93 18.94 3.58
N ILE A 18 -2.95 19.21 2.27
CA ILE A 18 -1.79 18.99 1.41
C ILE A 18 -0.61 19.83 1.86
N TYR A 19 -0.89 21.07 2.21
CA TYR A 19 0.12 21.98 2.74
C TYR A 19 0.76 21.41 4.01
N TYR A 20 -0.08 20.87 4.89
CA TYR A 20 0.39 20.30 6.15
C TYR A 20 1.29 19.09 5.92
N LEU A 21 0.88 18.21 5.02
CA LEU A 21 1.61 16.98 4.76
C LEU A 21 2.97 17.24 4.11
N GLN A 22 3.02 18.20 3.18
CA GLN A 22 4.25 18.47 2.45
C GLN A 22 5.34 19.05 3.35
N THR A 23 4.96 20.00 4.20
CA THR A 23 5.90 20.59 5.14
C THR A 23 6.37 19.54 6.15
N GLU A 24 5.45 18.69 6.57
CA GLU A 24 5.77 17.63 7.51
C GLU A 24 6.77 16.64 6.90
N ASN A 25 6.76 16.56 5.58
CA ASN A 25 7.68 15.68 4.86
C ASN A 25 8.96 16.39 4.46
N MET A 26 9.14 17.59 4.99
CA MET A 26 10.37 18.36 4.74
C MET A 26 11.22 18.42 6.00
N ARG A 27 10.95 17.52 6.94
CA ARG A 27 11.69 17.48 8.20
C ARG A 27 13.06 16.84 8.04
N GLU A 28 13.27 16.15 6.92
CA GLU A 28 14.55 15.50 6.64
C GLU A 28 15.06 15.89 5.25
N GLY A 29 16.37 16.13 5.14
CA GLY A 29 16.98 16.48 3.87
C GLY A 29 16.94 17.95 3.56
N TYR A 30 16.12 18.69 4.30
CA TYR A 30 15.98 20.13 4.10
C TYR A 30 16.76 20.88 5.18
N PRO A 31 17.22 22.11 4.87
CA PRO A 31 17.03 22.87 3.61
C PRO A 31 17.84 22.29 2.45
N LEU A 32 17.38 22.56 1.23
CA LEU A 32 18.08 22.13 0.04
C LEU A 32 19.45 22.79 -0.04
N GLU A 33 20.42 22.07 -0.59
CA GLU A 33 21.77 22.62 -0.70
C GLU A 33 22.23 22.64 -2.16
N ASN A 34 23.06 23.63 -2.49
CA ASN A 34 23.72 23.65 -3.78
C ASN A 34 24.76 22.54 -3.83
N GLU A 35 25.28 22.25 -5.02
CA GLU A 35 26.19 21.12 -5.17
C GLU A 35 27.54 21.39 -4.51
N ASP A 36 27.78 22.62 -4.10
CA ASP A 36 29.04 22.97 -3.42
C ASP A 36 28.90 22.94 -1.90
N GLY A 37 27.73 22.51 -1.42
CA GLY A 37 27.49 22.39 0.00
C GLY A 37 26.72 23.56 0.58
N THR A 38 26.78 24.70 -0.08
CA THR A 38 26.06 25.89 0.36
C THR A 38 24.56 25.73 0.15
N PRO A 39 23.75 26.36 1.03
CA PRO A 39 22.28 26.27 0.92
C PRO A 39 21.75 26.81 -0.41
N ALA A 40 20.78 26.12 -0.98
CA ALA A 40 20.17 26.55 -2.23
C ALA A 40 19.31 27.79 -2.00
N ALA A 41 19.17 28.59 -3.05
CA ALA A 41 18.39 29.82 -2.97
C ALA A 41 16.89 29.52 -2.98
N ASN A 42 16.46 28.68 -3.92
CA ASN A 42 15.07 28.27 -4.02
C ASN A 42 14.76 27.06 -3.16
N GLN A 43 13.97 27.28 -2.10
CA GLN A 43 13.63 26.23 -1.15
C GLN A 43 12.23 25.66 -1.40
N GLY A 44 11.59 26.13 -2.46
CA GLY A 44 10.24 25.69 -2.77
C GLY A 44 9.20 26.62 -2.16
N PRO A 45 7.93 26.45 -2.55
CA PRO A 45 6.84 27.29 -2.07
C PRO A 45 6.36 26.91 -0.67
N PHE A 46 6.88 25.82 -0.13
CA PHE A 46 6.50 25.38 1.22
C PHE A 46 7.63 25.58 2.21
N PRO A 47 7.31 26.17 3.37
CA PRO A 47 8.32 26.51 4.38
C PRO A 47 8.74 25.32 5.23
N LEU A 48 9.89 25.43 5.88
CA LEU A 48 10.34 24.45 6.84
C LEU A 48 9.37 24.40 8.01
N PRO A 49 9.01 23.19 8.45
CA PRO A 49 8.11 23.04 9.61
C PRO A 49 8.83 23.40 10.90
N LYS A 50 8.10 23.92 11.87
CA LYS A 50 8.69 24.21 13.17
C LYS A 50 9.08 22.89 13.84
N PRO A 51 10.18 22.90 14.62
CA PRO A 51 10.83 21.71 15.18
C PRO A 51 9.88 20.73 15.90
N LYS A 52 10.32 19.48 15.96
CA LYS A 52 9.57 18.41 16.59
C LYS A 52 10.52 17.57 17.42
N THR A 53 10.07 17.12 18.59
CA THR A 53 10.94 16.39 19.49
C THR A 53 10.47 14.97 19.74
N PHE A 54 11.38 14.01 19.55
CA PHE A 54 11.13 12.63 19.90
C PHE A 54 11.88 12.25 21.18
N ILE A 55 11.20 11.58 22.10
CA ILE A 55 11.85 11.05 23.29
C ILE A 55 12.15 9.58 23.10
N LEU A 56 13.43 9.28 22.82
CA LEU A 56 13.85 7.93 22.51
C LEU A 56 13.78 7.01 23.72
N PRO A 57 13.36 5.76 23.51
CA PRO A 57 13.23 4.78 24.60
C PRO A 57 14.56 4.32 25.16
N HIS A 58 14.53 3.71 26.33
CA HIS A 58 15.70 3.11 26.97
C HIS A 58 16.80 4.14 27.25
N GLY A 59 16.38 5.36 27.58
CA GLY A 59 17.29 6.41 27.99
C GLY A 59 18.36 6.78 26.98
N ARG A 60 18.03 6.67 25.69
CA ARG A 60 19.00 6.93 24.64
C ARG A 60 18.91 8.38 24.16
N GLY A 61 18.31 9.24 24.96
CA GLY A 61 18.27 10.66 24.67
C GLY A 61 17.05 11.11 23.88
N THR A 62 17.16 12.29 23.27
CA THR A 62 16.07 12.86 22.50
C THR A 62 16.50 13.24 21.09
N LEU A 63 15.52 13.46 20.22
CA LEU A 63 15.79 13.85 18.83
C LEU A 63 14.92 15.02 18.40
N THR A 64 15.56 16.11 18.00
CA THR A 64 14.84 17.28 17.50
C THR A 64 14.97 17.38 15.99
N VAL A 65 13.83 17.42 15.29
CA VAL A 65 13.81 17.48 13.84
C VAL A 65 12.72 18.46 13.39
N PRO A 66 13.03 19.30 12.39
CA PRO A 66 14.32 19.41 11.70
C PRO A 66 15.38 20.16 12.48
N GLY A 67 16.63 19.84 12.19
CA GLY A 67 17.76 20.52 12.79
C GLY A 67 18.93 20.48 11.83
N PRO A 68 20.02 21.17 12.16
CA PRO A 68 21.20 21.21 11.29
C PRO A 68 21.79 19.82 11.13
N GLU A 69 21.96 19.40 9.88
CA GLU A 69 22.37 18.04 9.58
C GLU A 69 23.78 17.98 9.00
N SER A 70 24.50 16.94 9.37
CA SER A 70 25.82 16.70 8.85
C SER A 70 25.90 15.24 8.42
N GLU A 71 26.87 14.92 7.57
CA GLU A 71 27.10 13.54 7.19
C GLU A 71 27.99 12.89 8.23
N ASP A 72 28.79 13.71 8.89
CA ASP A 72 29.77 13.27 9.88
C ASP A 72 30.69 12.21 9.30
N ARG A 73 31.02 12.38 8.02
CA ARG A 73 31.88 11.45 7.31
C ARG A 73 32.35 12.09 6.01
N PRO A 74 33.61 11.83 5.63
CA PRO A 74 34.15 12.36 4.37
C PRO A 74 33.55 11.66 3.17
N ILE A 75 33.28 12.42 2.11
CA ILE A 75 32.70 11.86 0.89
C ILE A 75 33.69 11.97 -0.27
N ALA A 76 34.20 10.83 -0.71
CA ALA A 76 35.24 10.79 -1.73
C ALA A 76 34.64 10.86 -3.13
N LEU A 77 34.14 12.03 -3.51
CA LEU A 77 33.57 12.24 -4.83
C LEU A 77 34.15 13.51 -5.47
N ALA A 78 34.16 13.55 -6.79
CA ALA A 78 34.65 14.71 -7.52
C ALA A 78 33.61 15.22 -8.50
N ARG A 79 33.52 16.54 -8.63
CA ARG A 79 32.55 17.16 -9.51
C ARG A 79 32.92 16.95 -10.98
N THR A 80 31.94 16.62 -11.81
CA THR A 80 32.20 16.28 -13.21
C THR A 80 32.03 17.49 -14.12
N ALA A 81 31.19 18.44 -13.69
CA ALA A 81 30.91 19.64 -14.48
C ALA A 81 30.78 20.88 -13.61
N VAL A 82 31.02 22.05 -14.20
CA VAL A 82 30.84 23.32 -13.52
C VAL A 82 29.36 23.54 -13.21
N SER A 83 28.50 23.04 -14.10
CA SER A 83 27.07 23.33 -14.04
C SER A 83 26.26 22.31 -13.25
N GLU A 84 25.03 22.69 -12.94
CA GLU A 84 24.15 21.88 -12.11
C GLU A 84 23.58 20.68 -12.86
N GLY A 85 23.54 19.53 -12.19
CA GLY A 85 22.78 18.39 -12.68
C GLY A 85 23.58 17.20 -13.16
N PHE A 86 24.91 17.27 -13.06
CA PHE A 86 25.76 16.20 -13.54
C PHE A 86 26.27 15.33 -12.41
N PRO A 87 26.55 14.05 -12.69
CA PRO A 87 26.99 13.09 -11.67
C PRO A 87 28.31 13.48 -11.01
N HIS A 88 28.59 12.90 -9.85
CA HIS A 88 29.86 13.10 -9.18
C HIS A 88 30.65 11.80 -9.19
N ALA A 89 31.86 11.84 -9.73
CA ALA A 89 32.66 10.63 -9.89
C ALA A 89 33.52 10.35 -8.66
N PRO A 90 33.59 9.07 -8.26
CA PRO A 90 34.43 8.61 -7.15
C PRO A 90 35.90 8.89 -7.39
N THR A 91 36.60 9.35 -6.37
CA THR A 91 38.02 9.67 -6.48
C THR A 91 38.88 8.45 -6.14
N GLY A 92 38.29 7.47 -5.47
CA GLY A 92 39.01 6.26 -5.12
C GLY A 92 38.21 5.00 -5.36
N ASP A 93 38.14 4.14 -4.36
CA ASP A 93 37.37 2.91 -4.44
C ASP A 93 35.98 3.13 -3.85
N PRO A 94 34.96 3.18 -4.71
CA PRO A 94 33.59 3.50 -4.32
C PRO A 94 33.01 2.59 -3.26
N MET A 95 33.33 1.30 -3.31
CA MET A 95 32.84 0.36 -2.32
C MET A 95 33.48 0.63 -0.96
N LYS A 96 34.78 0.91 -0.96
CA LYS A 96 35.51 1.13 0.27
C LYS A 96 35.28 2.54 0.82
N ASP A 97 35.09 3.49 -0.08
CA ASP A 97 34.86 4.88 0.32
C ASP A 97 33.41 5.12 0.70
N GLY A 98 32.56 4.15 0.41
CA GLY A 98 31.15 4.23 0.76
C GLY A 98 30.38 5.32 0.03
N VAL A 99 30.45 5.31 -1.30
CA VAL A 99 29.69 6.26 -2.11
C VAL A 99 28.80 5.52 -3.10
N GLY A 100 27.86 6.23 -3.71
CA GLY A 100 26.95 5.63 -4.67
C GLY A 100 26.06 4.58 -4.04
N PRO A 101 25.91 3.43 -4.73
CA PRO A 101 25.11 2.30 -4.22
C PRO A 101 25.76 1.66 -2.99
N ALA A 102 27.02 1.97 -2.75
CA ALA A 102 27.74 1.41 -1.61
C ALA A 102 27.74 2.35 -0.42
N SER A 103 26.94 3.40 -0.49
CA SER A 103 26.88 4.42 0.55
C SER A 103 26.30 3.89 1.86
N TRP A 104 26.70 4.51 2.95
CA TRP A 104 26.15 4.23 4.28
C TRP A 104 26.08 5.53 5.07
N VAL A 105 25.18 5.59 6.03
CA VAL A 105 25.01 6.80 6.82
C VAL A 105 25.52 6.62 8.24
N ALA A 106 25.93 7.71 8.86
CA ALA A 106 26.54 7.65 10.18
C ALA A 106 25.48 7.55 11.27
N ARG A 107 24.83 6.40 11.36
CA ARG A 107 23.92 6.14 12.47
C ARG A 107 24.74 5.93 13.74
N ARG A 108 24.06 5.92 14.87
CA ARG A 108 24.72 5.74 16.16
C ARG A 108 25.34 4.35 16.24
N ASP A 109 26.58 4.29 16.74
CA ASP A 109 27.30 3.03 16.82
C ASP A 109 26.84 2.21 18.01
N LEU A 110 25.53 1.97 18.07
CA LEU A 110 24.91 1.19 19.13
C LEU A 110 23.86 0.27 18.53
N PRO A 111 23.68 -0.92 19.10
CA PRO A 111 22.68 -1.86 18.58
C PRO A 111 21.24 -1.40 18.86
N GLU A 112 20.32 -1.76 17.99
CA GLU A 112 18.91 -1.48 18.22
C GLU A 112 18.39 -2.40 19.31
N LEU A 113 17.50 -1.88 20.15
CA LEU A 113 16.98 -2.64 21.27
C LEU A 113 15.50 -2.98 21.07
N ASP A 114 15.06 -4.06 21.70
CA ASP A 114 13.63 -4.41 21.68
C ASP A 114 12.91 -3.61 22.75
N GLY A 115 11.64 -3.93 22.97
CA GLY A 115 10.85 -3.21 23.95
C GLY A 115 11.29 -3.43 25.38
N HIS A 116 12.03 -4.52 25.62
CA HIS A 116 12.44 -4.87 26.97
C HIS A 116 13.84 -4.36 27.29
N GLY A 117 14.53 -3.84 26.29
CA GLY A 117 15.86 -3.27 26.48
C GLY A 117 16.99 -4.18 26.05
N HIS A 118 16.65 -5.39 25.62
CA HIS A 118 17.65 -6.34 25.12
C HIS A 118 17.96 -6.05 23.65
N ASN A 119 19.13 -6.50 23.19
CA ASN A 119 19.52 -6.33 21.80
C ASN A 119 18.51 -6.96 20.84
N LYS A 120 18.09 -6.19 19.86
CA LYS A 120 17.09 -6.64 18.89
C LYS A 120 17.66 -7.76 18.00
N ILE A 121 18.91 -7.61 17.60
CA ILE A 121 19.55 -8.59 16.74
C ILE A 121 20.69 -9.32 17.46
N LYS A 122 20.62 -10.65 17.45
CA LYS A 122 21.64 -11.48 18.08
C LYS A 122 21.80 -12.80 17.33
N PRO A 123 23.02 -13.35 17.30
CA PRO A 123 23.27 -14.65 16.66
C PRO A 123 22.45 -15.76 17.30
N MET A 124 22.05 -16.74 16.49
CA MET A 124 21.14 -17.79 16.95
C MET A 124 21.79 -18.67 18.01
N LYS A 125 23.11 -18.73 18.00
CA LYS A 125 23.86 -19.49 19.00
C LYS A 125 23.68 -18.88 20.39
N ALA A 126 23.39 -17.58 20.44
CA ALA A 126 23.26 -16.87 21.70
C ALA A 126 21.81 -16.51 21.98
N ALA A 127 20.89 -17.21 21.31
CA ALA A 127 19.47 -16.96 21.47
C ALA A 127 18.72 -18.23 21.82
N ALA A 128 18.58 -18.49 23.11
CA ALA A 128 17.83 -19.66 23.58
C ALA A 128 16.33 -19.41 23.53
N GLY A 129 15.61 -20.30 22.86
CA GLY A 129 16.21 -21.44 22.22
C GLY A 129 15.76 -21.54 20.78
N PHE A 130 16.33 -20.68 19.93
CA PHE A 130 15.91 -20.56 18.54
C PHE A 130 16.45 -21.70 17.67
N HIS A 131 15.66 -22.10 16.68
CA HIS A 131 16.06 -23.12 15.73
C HIS A 131 15.37 -22.89 14.40
N VAL A 132 15.87 -23.54 13.35
CA VAL A 132 15.23 -23.45 12.04
C VAL A 132 13.97 -24.31 11.99
N SER A 133 12.82 -23.67 11.76
CA SER A 133 11.54 -24.37 11.79
C SER A 133 11.05 -24.78 10.40
N ALA A 134 11.54 -24.11 9.37
CA ALA A 134 11.14 -24.41 8.00
C ALA A 134 12.17 -23.88 7.00
N GLY A 135 12.14 -24.41 5.79
CA GLY A 135 13.07 -24.00 4.77
C GLY A 135 14.38 -24.74 4.87
N LYS A 136 15.33 -24.39 4.01
CA LYS A 136 16.62 -25.06 4.00
C LYS A 136 17.60 -24.42 4.99
N ASN A 137 18.03 -25.23 5.95
CA ASN A 137 19.03 -24.81 6.93
C ASN A 137 20.36 -24.55 6.25
N PRO A 138 20.83 -23.30 6.31
CA PRO A 138 22.05 -22.89 5.60
C PRO A 138 23.34 -23.16 6.37
N ILE A 139 23.25 -23.57 7.62
CA ILE A 139 24.44 -23.78 8.43
C ILE A 139 25.30 -24.92 7.89
N GLY A 140 26.59 -24.66 7.73
CA GLY A 140 27.52 -25.66 7.24
C GLY A 140 27.65 -25.66 5.74
N LEU A 141 26.72 -24.98 5.08
CA LEU A 141 26.73 -24.89 3.62
C LEU A 141 27.84 -23.97 3.13
N PRO A 142 28.45 -24.33 2.00
CA PRO A 142 29.48 -23.48 1.39
C PRO A 142 28.90 -22.21 0.79
N VAL A 143 29.61 -21.10 0.92
CA VAL A 143 29.16 -19.83 0.36
C VAL A 143 29.93 -19.53 -0.91
N ARG A 144 29.19 -19.26 -1.98
CA ARG A 144 29.82 -19.05 -3.28
C ARG A 144 29.52 -17.67 -3.85
N GLY A 145 30.54 -17.06 -4.46
CA GLY A 145 30.41 -15.73 -5.01
C GLY A 145 29.96 -15.75 -6.46
N CYS A 146 29.92 -14.59 -7.09
CA CYS A 146 29.47 -14.49 -8.47
C CYS A 146 30.52 -15.06 -9.42
N ASP A 147 31.76 -15.17 -8.94
CA ASP A 147 32.84 -15.77 -9.70
C ASP A 147 32.81 -17.29 -9.57
N LEU A 148 31.72 -17.79 -8.99
CA LEU A 148 31.46 -19.23 -8.86
C LEU A 148 32.52 -19.94 -8.03
N GLU A 149 33.20 -19.20 -7.15
CA GLU A 149 34.20 -19.78 -6.27
C GLU A 149 33.75 -19.70 -4.82
N ILE A 150 34.04 -20.76 -4.06
CA ILE A 150 33.69 -20.82 -2.65
C ILE A 150 34.46 -19.79 -1.83
N ALA A 151 33.73 -18.96 -1.10
CA ALA A 151 34.34 -17.90 -0.30
C ALA A 151 34.39 -18.28 1.19
N GLY A 152 33.56 -19.25 1.57
CA GLY A 152 33.51 -19.70 2.94
C GLY A 152 32.27 -20.53 3.22
N LYS A 153 31.97 -20.73 4.50
CA LYS A 153 30.80 -21.50 4.89
C LYS A 153 29.99 -20.79 5.97
N VAL A 154 28.67 -20.93 5.91
CA VAL A 154 27.79 -20.36 6.92
C VAL A 154 27.96 -21.09 8.24
N VAL A 155 28.31 -20.35 9.28
CA VAL A 155 28.54 -20.94 10.60
C VAL A 155 27.41 -20.64 11.57
N ASP A 156 26.64 -19.59 11.29
CA ASP A 156 25.53 -19.20 12.16
C ASP A 156 24.53 -18.30 11.46
N ILE A 157 23.36 -18.13 12.07
CA ILE A 157 22.34 -17.20 11.59
C ILE A 157 22.07 -16.13 12.65
N TRP A 158 22.10 -14.87 12.23
CA TRP A 158 21.74 -13.77 13.12
C TRP A 158 20.26 -13.46 12.96
N VAL A 159 19.48 -13.66 14.01
CA VAL A 159 18.03 -13.55 13.92
C VAL A 159 17.49 -12.28 14.58
N ASP A 160 16.39 -11.78 14.02
CA ASP A 160 15.65 -10.68 14.62
C ASP A 160 14.68 -11.26 15.64
N ILE A 161 15.11 -11.29 16.90
CA ILE A 161 14.38 -12.00 17.96
C ILE A 161 12.91 -11.58 18.17
N PRO A 162 12.64 -10.26 18.26
CA PRO A 162 11.22 -9.89 18.49
C PRO A 162 10.32 -10.32 17.33
N GLU A 163 10.84 -10.26 16.11
CA GLU A 163 10.08 -10.63 14.93
C GLU A 163 10.28 -12.10 14.57
N GLN A 164 11.23 -12.74 15.27
CA GLN A 164 11.60 -14.12 15.01
C GLN A 164 11.89 -14.34 13.53
N MET A 165 12.82 -13.55 13.01
CA MET A 165 13.14 -13.59 11.59
C MET A 165 14.65 -13.57 11.35
N ALA A 166 15.11 -14.36 10.39
CA ALA A 166 16.52 -14.41 10.04
C ALA A 166 16.92 -13.17 9.22
N ARG A 167 17.96 -12.47 9.66
CA ARG A 167 18.37 -11.25 8.98
C ARG A 167 19.77 -11.38 8.36
N PHE A 168 20.65 -12.10 9.03
CA PHE A 168 22.03 -12.25 8.55
C PHE A 168 22.53 -13.68 8.61
N LEU A 169 23.29 -14.06 7.58
CA LEU A 169 24.07 -15.28 7.63
C LEU A 169 25.49 -14.93 8.07
N GLU A 170 26.02 -15.64 9.05
CA GLU A 170 27.41 -15.42 9.45
C GLU A 170 28.31 -16.35 8.66
N VAL A 171 29.18 -15.77 7.84
CA VAL A 171 30.03 -16.55 6.94
C VAL A 171 31.49 -16.52 7.38
N GLU A 172 32.07 -17.70 7.58
CA GLU A 172 33.46 -17.81 8.00
C GLU A 172 34.42 -17.76 6.81
N LEU A 173 35.40 -16.87 6.87
CA LEU A 173 36.35 -16.70 5.77
C LEU A 173 37.51 -17.69 5.86
N LYS A 174 38.41 -17.64 4.89
CA LYS A 174 39.55 -18.54 4.84
C LYS A 174 40.51 -18.31 6.01
N ASP A 175 40.52 -17.09 6.54
CA ASP A 175 41.43 -16.74 7.63
C ASP A 175 40.86 -17.12 9.00
N GLY A 176 39.68 -17.73 8.99
CA GLY A 176 39.05 -18.18 10.21
C GLY A 176 38.02 -17.19 10.73
N SER A 177 38.20 -15.92 10.40
CA SER A 177 37.29 -14.87 10.86
C SER A 177 35.96 -14.95 10.11
N THR A 178 34.98 -14.17 10.56
CA THR A 178 33.64 -14.24 9.98
C THR A 178 33.13 -12.90 9.46
N ARG A 179 32.16 -12.96 8.56
CA ARG A 179 31.48 -11.77 8.05
C ARG A 179 29.98 -11.96 8.06
N LEU A 180 29.24 -10.85 8.09
CA LEU A 180 27.79 -10.90 8.06
C LEU A 180 27.26 -10.60 6.66
N LEU A 181 26.30 -11.40 6.21
CA LEU A 181 25.64 -11.19 4.92
C LEU A 181 24.16 -10.99 5.09
N PRO A 182 23.60 -9.93 4.48
CA PRO A 182 22.15 -9.69 4.50
C PRO A 182 21.38 -10.85 3.92
N MET A 183 20.33 -11.29 4.61
CA MET A 183 19.55 -12.44 4.15
C MET A 183 18.85 -12.13 2.83
N GLN A 184 18.66 -10.85 2.55
CA GLN A 184 17.97 -10.42 1.34
C GLN A 184 18.90 -10.44 0.12
N MET A 185 20.20 -10.51 0.37
CA MET A 185 21.20 -10.47 -0.70
C MET A 185 21.77 -11.85 -1.02
N VAL A 186 21.23 -12.88 -0.38
CA VAL A 186 21.68 -14.25 -0.62
C VAL A 186 20.54 -15.15 -1.08
N LYS A 187 20.88 -16.20 -1.81
CA LYS A 187 19.90 -17.21 -2.21
C LYS A 187 20.35 -18.59 -1.76
N VAL A 188 19.67 -19.14 -0.76
CA VAL A 188 20.02 -20.43 -0.23
C VAL A 188 19.49 -21.55 -1.13
N GLN A 189 20.41 -22.39 -1.62
CA GLN A 189 20.05 -23.50 -2.49
C GLN A 189 20.30 -24.82 -1.78
N SER A 190 19.92 -25.92 -2.43
CA SER A 190 19.91 -27.24 -1.80
C SER A 190 21.26 -27.69 -1.25
N ASN A 191 22.35 -27.25 -1.88
CA ASN A 191 23.68 -27.67 -1.48
C ASN A 191 24.66 -26.52 -1.41
N ARG A 192 24.16 -25.30 -1.60
CA ARG A 192 25.02 -24.12 -1.55
C ARG A 192 24.30 -22.81 -1.28
N VAL A 193 25.07 -21.80 -0.87
CA VAL A 193 24.53 -20.44 -0.73
C VAL A 193 25.13 -19.59 -1.84
N HIS A 194 24.27 -18.97 -2.63
CA HIS A 194 24.71 -18.17 -3.76
C HIS A 194 24.64 -16.69 -3.46
N VAL A 195 25.76 -16.00 -3.69
CA VAL A 195 25.81 -14.55 -3.51
C VAL A 195 26.10 -13.86 -4.82
N ASN A 196 25.08 -13.24 -5.39
CA ASN A 196 25.18 -12.59 -6.69
C ASN A 196 25.98 -11.29 -6.63
N ALA A 197 25.92 -10.62 -5.49
CA ALA A 197 26.44 -9.27 -5.36
C ALA A 197 27.97 -9.19 -5.26
N LEU A 198 28.61 -10.28 -4.82
CA LEU A 198 30.04 -10.23 -4.55
C LEU A 198 30.84 -11.37 -5.18
N SER A 199 32.07 -11.05 -5.55
CA SER A 199 33.03 -12.09 -5.94
C SER A 199 33.70 -12.61 -4.67
N SER A 200 34.29 -13.79 -4.75
CA SER A 200 34.83 -14.48 -3.57
C SER A 200 35.89 -13.67 -2.83
N ASP A 201 36.59 -12.80 -3.54
CA ASP A 201 37.67 -12.02 -2.92
C ASP A 201 37.19 -10.67 -2.42
N LEU A 202 35.89 -10.41 -2.52
CA LEU A 202 35.31 -9.17 -2.04
C LEU A 202 34.59 -9.38 -0.71
N PHE A 203 34.46 -10.63 -0.31
CA PHE A 203 33.83 -10.98 0.97
C PHE A 203 34.65 -10.44 2.14
N ALA A 204 35.97 -10.44 1.99
CA ALA A 204 36.86 -9.99 3.06
C ALA A 204 36.78 -8.48 3.26
N GLY A 205 36.31 -7.78 2.24
CA GLY A 205 36.21 -6.34 2.28
C GLY A 205 35.03 -5.83 3.09
N ILE A 206 34.12 -6.74 3.43
CA ILE A 206 32.96 -6.41 4.25
C ILE A 206 33.41 -5.92 5.62
N PRO A 207 32.89 -4.75 6.03
CA PRO A 207 33.20 -4.15 7.34
C PRO A 207 33.00 -5.13 8.50
N THR A 208 33.87 -5.04 9.50
CA THR A 208 33.84 -5.98 10.61
C THR A 208 33.14 -5.37 11.82
N ILE A 209 32.45 -6.22 12.58
CA ILE A 209 31.80 -5.80 13.81
C ILE A 209 32.77 -5.89 14.99
N LYS A 210 32.58 -5.05 15.99
CA LYS A 210 33.50 -4.95 17.11
C LYS A 210 33.17 -5.95 18.22
N SER A 211 32.02 -6.61 18.09
CA SER A 211 31.60 -7.61 19.08
C SER A 211 31.00 -8.83 18.38
N PRO A 212 31.42 -10.03 18.80
CA PRO A 212 31.01 -11.28 18.16
C PRO A 212 29.57 -11.68 18.48
N THR A 213 28.92 -10.98 19.39
CA THR A 213 27.57 -11.35 19.81
C THR A 213 26.54 -10.26 19.57
N GLU A 214 26.97 -9.13 19.00
CA GLU A 214 26.05 -8.04 18.70
C GLU A 214 26.52 -7.21 17.52
N VAL A 215 25.56 -6.54 16.87
CA VAL A 215 25.87 -5.66 15.75
C VAL A 215 25.16 -4.31 15.95
N THR A 216 25.87 -3.23 15.66
CA THR A 216 25.33 -1.89 15.84
C THR A 216 24.68 -1.38 14.56
N LEU A 217 23.89 -0.31 14.67
CA LEU A 217 23.20 0.26 13.53
C LEU A 217 24.18 0.77 12.48
N LEU A 218 25.27 1.38 12.95
CA LEU A 218 26.31 1.89 12.06
C LEU A 218 26.95 0.75 11.28
N GLU A 219 27.21 -0.35 11.97
CA GLU A 219 27.82 -1.53 11.36
C GLU A 219 26.89 -2.16 10.33
N GLU A 220 25.59 -2.15 10.62
CA GLU A 220 24.61 -2.75 9.73
C GLU A 220 24.56 -2.07 8.38
N ASP A 221 24.55 -0.74 8.38
CA ASP A 221 24.50 0.01 7.13
C ASP A 221 25.79 -0.12 6.33
N LYS A 222 26.92 -0.18 7.04
CA LYS A 222 28.20 -0.39 6.38
C LYS A 222 28.20 -1.72 5.64
N ILE A 223 27.68 -2.75 6.30
CA ILE A 223 27.56 -4.08 5.70
C ILE A 223 26.56 -4.10 4.56
N CYS A 224 25.33 -3.64 4.84
CA CYS A 224 24.27 -3.63 3.84
C CYS A 224 24.61 -2.77 2.64
N GLY A 225 25.20 -1.60 2.89
CA GLY A 225 25.59 -0.70 1.82
C GLY A 225 26.67 -1.29 0.94
N TYR A 226 27.68 -1.89 1.57
CA TYR A 226 28.79 -2.51 0.85
C TYR A 226 28.31 -3.62 -0.08
N VAL A 227 27.49 -4.52 0.44
CA VAL A 227 27.00 -5.66 -0.33
C VAL A 227 26.16 -5.22 -1.52
N ALA A 228 25.29 -4.23 -1.30
CA ALA A 228 24.42 -3.72 -2.36
C ALA A 228 25.21 -3.02 -3.45
N GLY A 229 26.36 -2.46 -3.08
CA GLY A 229 27.19 -1.73 -4.01
C GLY A 229 27.94 -2.67 -4.95
N GLY A 230 28.02 -3.93 -4.57
CA GLY A 230 28.75 -4.92 -5.37
C GLY A 230 28.08 -5.21 -6.69
N LEU A 231 26.78 -4.93 -6.78
CA LEU A 231 26.03 -5.17 -7.99
C LEU A 231 26.56 -4.33 -9.15
N MET A 232 27.06 -3.14 -8.84
CA MET A 232 27.58 -2.25 -9.88
C MET A 232 29.10 -2.30 -9.96
N TYR A 233 29.75 -2.51 -8.81
CA TYR A 233 31.20 -2.37 -8.71
C TYR A 233 31.96 -3.69 -8.73
N ALA A 234 31.26 -4.80 -8.88
CA ALA A 234 31.90 -6.11 -9.01
C ALA A 234 31.59 -6.72 -10.38
N ALA A 235 31.03 -5.89 -11.25
CA ALA A 235 30.73 -6.28 -12.64
C ALA A 235 31.95 -6.67 -13.49
N PRO A 236 33.13 -6.04 -13.28
CA PRO A 236 34.27 -6.45 -14.11
C PRO A 236 34.64 -7.94 -14.05
N LYS A 237 34.53 -8.55 -12.87
CA LYS A 237 34.84 -9.97 -12.74
C LYS A 237 33.73 -10.84 -13.31
N ARG A 238 33.93 -11.33 -14.53
CA ARG A 238 32.94 -12.20 -15.16
C ARG A 238 33.55 -13.53 -15.58
N LYS A 239 32.68 -14.47 -15.91
CA LYS A 239 33.11 -15.79 -16.34
C LYS A 239 32.09 -16.40 -17.30
N SER A 240 32.54 -16.76 -18.49
CA SER A 240 31.63 -17.30 -19.50
C SER A 240 32.08 -18.66 -20.02
N ALA B 1 18.95 22.46 -4.60
CA ALA B 1 19.00 21.47 -5.67
C ALA B 1 19.19 20.06 -5.10
N LEU B 2 19.90 19.98 -3.98
CA LEU B 2 20.21 18.69 -3.36
C LEU B 2 19.64 18.59 -1.95
N LEU B 3 19.14 17.40 -1.60
CA LEU B 3 18.82 17.11 -0.20
C LEU B 3 20.13 17.06 0.56
N SER B 4 20.07 17.28 1.88
CA SER B 4 21.27 17.40 2.68
C SER B 4 22.14 16.14 2.66
N PHE B 5 21.53 15.01 2.28
CA PHE B 5 22.22 13.73 2.27
C PHE B 5 22.28 13.12 0.86
N GLU B 6 22.04 13.95 -0.15
CA GLU B 6 21.84 13.46 -1.51
C GLU B 6 23.13 13.29 -2.31
N ARG B 7 24.09 14.20 -2.10
CA ARG B 7 25.30 14.27 -2.94
C ARG B 7 26.04 12.95 -3.11
N LYS B 8 26.16 12.19 -2.03
CA LYS B 8 26.98 10.98 -2.05
C LYS B 8 26.37 9.85 -2.88
N TYR B 9 25.14 10.05 -3.35
CA TYR B 9 24.45 9.03 -4.14
C TYR B 9 24.45 9.33 -5.63
N ARG B 10 24.54 10.61 -6.00
CA ARG B 10 24.50 11.01 -7.39
C ARG B 10 25.82 10.73 -8.11
N VAL B 11 26.06 9.44 -8.39
CA VAL B 11 27.25 8.99 -9.09
C VAL B 11 26.88 8.48 -10.48
N PRO B 12 27.86 8.39 -11.40
CA PRO B 12 27.57 7.86 -12.74
C PRO B 12 27.30 6.36 -12.74
N GLY B 13 26.58 5.88 -13.75
CA GLY B 13 26.37 4.46 -13.92
C GLY B 13 24.93 4.02 -13.67
N GLY B 14 24.59 2.83 -14.14
CA GLY B 14 23.28 2.25 -13.89
C GLY B 14 22.36 2.29 -15.08
N THR B 15 22.71 3.10 -16.08
CA THR B 15 21.87 3.26 -17.27
C THR B 15 21.76 1.96 -18.05
N LEU B 16 20.60 1.74 -18.64
CA LEU B 16 20.34 0.56 -19.45
C LEU B 16 20.69 0.81 -20.91
N VAL B 17 20.49 2.04 -21.36
CA VAL B 17 20.70 2.43 -22.76
C VAL B 17 21.28 3.84 -22.87
N GLY B 18 22.32 3.97 -23.68
CA GLY B 18 22.87 5.29 -23.98
C GLY B 18 24.12 5.63 -23.19
N GLY B 19 24.52 4.73 -22.30
CA GLY B 19 25.72 4.93 -21.51
C GLY B 19 25.62 6.14 -20.61
N ASN B 20 26.55 7.08 -20.79
CA ASN B 20 26.59 8.28 -19.97
C ASN B 20 26.10 9.53 -20.70
N LEU B 21 25.50 9.34 -21.88
CA LEU B 21 25.04 10.47 -22.68
C LEU B 21 23.84 11.18 -22.06
N PHE B 22 22.92 10.41 -21.49
CA PHE B 22 21.74 10.98 -20.85
C PHE B 22 21.78 10.81 -19.35
N ASP B 23 22.97 10.50 -18.84
CA ASP B 23 23.13 10.26 -17.41
C ASP B 23 23.36 11.56 -16.65
N PHE B 24 22.28 12.31 -16.44
CA PHE B 24 22.35 13.56 -15.66
C PHE B 24 20.98 13.94 -15.10
N TRP B 25 20.95 15.01 -14.31
CA TRP B 25 19.70 15.45 -13.68
C TRP B 25 19.26 16.83 -14.14
N VAL B 26 17.96 17.06 -14.14
CA VAL B 26 17.41 18.40 -14.32
C VAL B 26 16.63 18.76 -13.06
N GLY B 27 17.28 19.53 -12.18
CA GLY B 27 16.72 19.79 -10.87
C GLY B 27 16.71 18.50 -10.07
N PRO B 28 15.53 18.14 -9.54
CA PRO B 28 15.38 16.87 -8.82
C PRO B 28 15.21 15.69 -9.77
N PHE B 29 14.71 15.96 -10.96
CA PHE B 29 14.40 14.91 -11.93
C PHE B 29 15.65 14.27 -12.52
N TYR B 30 15.67 12.95 -12.53
CA TYR B 30 16.68 12.21 -13.26
C TYR B 30 16.21 12.01 -14.71
N VAL B 31 17.14 12.07 -15.64
CA VAL B 31 16.79 11.93 -17.05
C VAL B 31 16.90 10.49 -17.51
N GLY B 32 18.08 10.12 -18.01
CA GLY B 32 18.26 8.81 -18.63
C GLY B 32 17.63 8.81 -20.01
N PHE B 33 17.93 7.79 -20.81
CA PHE B 33 17.39 7.70 -22.16
C PHE B 33 15.86 7.63 -22.15
N PHE B 34 15.32 6.90 -21.18
CA PHE B 34 13.87 6.73 -21.08
C PHE B 34 13.21 7.98 -20.53
N GLY B 35 14.00 8.86 -19.93
CA GLY B 35 13.51 10.14 -19.47
C GLY B 35 13.23 11.02 -20.66
N VAL B 36 14.14 10.97 -21.64
CA VAL B 36 13.98 11.70 -22.89
C VAL B 36 12.81 11.11 -23.67
N ALA B 37 12.73 9.78 -23.70
CA ALA B 37 11.66 9.09 -24.39
C ALA B 37 10.30 9.42 -23.78
N THR B 38 10.23 9.38 -22.45
CA THR B 38 9.00 9.75 -21.74
C THR B 38 8.55 11.15 -22.10
N PHE B 39 9.48 12.09 -22.04
CA PHE B 39 9.22 13.48 -22.39
C PHE B 39 8.78 13.60 -23.85
N PHE B 40 9.39 12.77 -24.70
CA PHE B 40 9.08 12.78 -26.12
C PHE B 40 7.66 12.27 -26.40
N PHE B 41 7.30 11.16 -25.78
CA PHE B 41 5.96 10.60 -25.93
C PHE B 41 4.91 11.51 -25.32
N ALA B 42 5.26 12.14 -24.20
CA ALA B 42 4.34 13.04 -23.51
C ALA B 42 4.11 14.31 -24.31
N ALA B 43 5.19 14.85 -24.89
CA ALA B 43 5.10 16.08 -25.67
C ALA B 43 4.15 15.92 -26.85
N LEU B 44 4.36 14.85 -27.61
CA LEU B 44 3.54 14.58 -28.79
C LEU B 44 2.07 14.33 -28.42
N GLY B 45 1.86 13.59 -27.35
CA GLY B 45 0.52 13.24 -26.90
C GLY B 45 -0.30 14.44 -26.47
N ILE B 46 0.33 15.38 -25.76
CA ILE B 46 -0.35 16.59 -25.31
C ILE B 46 -0.70 17.47 -26.50
N ILE B 47 0.20 17.50 -27.48
CA ILE B 47 -0.03 18.25 -28.71
C ILE B 47 -1.26 17.72 -29.45
N LEU B 48 -1.43 16.40 -29.45
CA LEU B 48 -2.53 15.76 -30.18
C LEU B 48 -3.90 16.14 -29.62
N ILE B 49 -4.00 16.30 -28.31
CA ILE B 49 -5.24 16.70 -27.68
C ILE B 49 -5.59 18.14 -28.07
N ALA B 50 -4.58 18.99 -28.14
CA ALA B 50 -4.75 20.38 -28.55
C ALA B 50 -5.34 20.48 -29.96
N TRP B 51 -4.87 19.62 -30.85
CA TRP B 51 -5.39 19.61 -32.20
C TRP B 51 -6.76 18.93 -32.24
N SER B 52 -7.05 18.13 -31.22
CA SER B 52 -8.36 17.49 -31.11
C SER B 52 -9.36 18.46 -30.53
N ALA B 53 -8.89 19.33 -29.64
CA ALA B 53 -9.70 20.37 -29.03
C ALA B 53 -10.04 21.46 -30.04
N VAL B 54 -9.13 21.72 -30.97
CA VAL B 54 -9.37 22.68 -32.03
C VAL B 54 -10.48 22.18 -32.95
N LEU B 55 -10.42 20.91 -33.32
CA LEU B 55 -11.44 20.32 -34.19
C LEU B 55 -12.78 20.25 -33.47
N GLN B 56 -12.72 20.10 -32.15
CA GLN B 56 -13.92 20.05 -31.33
C GLN B 56 -14.46 21.46 -31.08
N GLY B 57 -13.57 22.43 -31.08
CA GLY B 57 -13.96 23.83 -31.02
C GLY B 57 -13.97 24.47 -29.64
N THR B 58 -13.74 23.67 -28.61
CA THR B 58 -13.76 24.19 -27.24
C THR B 58 -12.41 24.02 -26.56
N TRP B 59 -12.21 24.71 -25.44
CA TRP B 59 -10.93 24.65 -24.73
C TRP B 59 -11.06 24.48 -23.22
N ASN B 60 -12.28 24.38 -22.71
CA ASN B 60 -12.44 24.01 -21.30
C ASN B 60 -12.16 22.51 -21.20
N PRO B 61 -11.48 22.09 -20.12
CA PRO B 61 -11.03 20.69 -20.05
C PRO B 61 -12.13 19.69 -19.74
N GLN B 62 -13.21 20.17 -19.13
CA GLN B 62 -14.29 19.31 -18.65
C GLN B 62 -15.25 18.88 -19.77
N LEU B 63 -15.02 19.36 -20.99
CA LEU B 63 -15.80 18.92 -22.15
C LEU B 63 -14.91 18.25 -23.20
N ILE B 64 -13.61 18.52 -23.15
CA ILE B 64 -12.68 17.91 -24.11
C ILE B 64 -12.72 16.40 -24.03
N SER B 65 -12.95 15.76 -25.17
CA SER B 65 -13.08 14.31 -25.22
C SER B 65 -12.61 13.74 -26.56
N VAL B 66 -11.55 12.94 -26.52
CA VAL B 66 -11.02 12.31 -27.72
C VAL B 66 -11.56 10.89 -27.87
N TYR B 67 -12.46 10.71 -28.83
CA TYR B 67 -13.13 9.42 -29.04
C TYR B 67 -12.35 8.49 -29.96
N PRO B 68 -12.43 7.17 -29.70
CA PRO B 68 -11.88 6.14 -30.57
C PRO B 68 -12.70 6.01 -31.86
N PRO B 69 -12.21 5.24 -32.84
CA PRO B 69 -12.97 5.06 -34.08
C PRO B 69 -14.32 4.39 -33.85
N ALA B 70 -15.27 4.64 -34.75
CA ALA B 70 -16.57 3.99 -34.67
C ALA B 70 -16.41 2.49 -34.85
N LEU B 71 -17.41 1.74 -34.39
CA LEU B 71 -17.39 0.28 -34.45
C LEU B 71 -17.26 -0.23 -35.87
N GLU B 72 -17.82 0.51 -36.82
CA GLU B 72 -17.78 0.13 -38.23
C GLU B 72 -16.35 0.10 -38.78
N TYR B 73 -15.46 0.85 -38.14
CA TYR B 73 -14.07 0.89 -38.57
C TYR B 73 -13.31 -0.36 -38.15
N GLY B 74 -13.91 -1.12 -37.24
CA GLY B 74 -13.31 -2.36 -36.78
C GLY B 74 -11.99 -2.15 -36.08
N LEU B 75 -10.97 -2.90 -36.49
CA LEU B 75 -9.65 -2.79 -35.90
C LEU B 75 -8.66 -2.12 -36.84
N GLY B 76 -9.18 -1.38 -37.83
CA GLY B 76 -8.34 -0.73 -38.81
C GLY B 76 -8.05 0.72 -38.46
N GLY B 77 -7.20 1.36 -39.26
CA GLY B 77 -6.87 2.75 -39.06
C GLY B 77 -8.05 3.66 -39.34
N ALA B 78 -8.09 4.81 -38.69
CA ALA B 78 -9.17 5.76 -38.87
C ALA B 78 -8.63 7.15 -39.14
N PRO B 79 -9.42 8.00 -39.82
CA PRO B 79 -9.04 9.39 -40.02
C PRO B 79 -8.82 10.10 -38.69
N LEU B 80 -7.90 11.07 -38.67
CA LEU B 80 -7.51 11.77 -37.45
C LEU B 80 -8.71 12.27 -36.64
N ALA B 81 -9.65 12.92 -37.33
CA ALA B 81 -10.80 13.52 -36.67
C ALA B 81 -11.89 12.51 -36.31
N LYS B 82 -11.75 11.29 -36.82
CA LYS B 82 -12.78 10.27 -36.62
C LYS B 82 -12.25 9.04 -35.87
N GLY B 83 -11.31 9.26 -34.96
CA GLY B 83 -10.77 8.19 -34.15
C GLY B 83 -9.29 7.95 -34.36
N GLY B 84 -8.73 8.58 -35.38
CA GLY B 84 -7.31 8.43 -35.67
C GLY B 84 -6.43 9.03 -34.60
N LEU B 85 -6.77 10.23 -34.14
CA LEU B 85 -6.03 10.90 -33.07
C LEU B 85 -5.97 10.02 -31.82
N TRP B 86 -7.12 9.45 -31.46
CA TRP B 86 -7.21 8.57 -30.30
C TRP B 86 -6.22 7.41 -30.41
N GLN B 87 -6.14 6.82 -31.60
CA GLN B 87 -5.22 5.71 -31.83
C GLN B 87 -3.78 6.14 -31.62
N ILE B 88 -3.42 7.30 -32.16
CA ILE B 88 -2.06 7.82 -32.01
C ILE B 88 -1.77 8.20 -30.57
N ILE B 89 -2.74 8.84 -29.92
CA ILE B 89 -2.60 9.21 -28.51
C ILE B 89 -2.38 7.97 -27.66
N THR B 90 -3.13 6.91 -27.95
CA THR B 90 -3.00 5.65 -27.23
C THR B 90 -1.61 5.05 -27.42
N ILE B 91 -1.11 5.14 -28.65
CA ILE B 91 0.27 4.71 -28.95
C ILE B 91 1.25 5.53 -28.13
N CYS B 92 1.05 6.84 -28.08
CA CYS B 92 1.89 7.72 -27.29
C CYS B 92 1.75 7.43 -25.80
N ALA B 93 0.50 7.21 -25.37
CA ALA B 93 0.23 6.91 -23.96
C ALA B 93 0.95 5.64 -23.53
N THR B 94 0.83 4.60 -24.35
CA THR B 94 1.50 3.32 -24.07
C THR B 94 3.01 3.52 -24.07
N GLY B 95 3.51 4.29 -25.02
CA GLY B 95 4.93 4.61 -25.08
C GLY B 95 5.39 5.40 -23.87
N ALA B 96 4.54 6.31 -23.41
CA ALA B 96 4.86 7.14 -22.26
C ALA B 96 4.86 6.32 -20.96
N PHE B 97 3.92 5.39 -20.84
CA PHE B 97 3.79 4.59 -19.63
C PHE B 97 4.95 3.61 -19.50
N VAL B 98 5.25 2.91 -20.58
CA VAL B 98 6.33 1.92 -20.59
C VAL B 98 7.69 2.58 -20.36
N SER B 99 7.89 3.75 -20.95
CA SER B 99 9.13 4.50 -20.79
C SER B 99 9.34 4.91 -19.33
N TRP B 100 8.25 5.25 -18.66
CA TRP B 100 8.31 5.66 -17.27
C TRP B 100 8.81 4.52 -16.38
N ALA B 101 8.34 3.32 -16.67
CA ALA B 101 8.72 2.14 -15.88
C ALA B 101 10.20 1.81 -16.06
N LEU B 102 10.69 1.93 -17.28
CA LEU B 102 12.09 1.63 -17.58
C LEU B 102 13.02 2.69 -17.01
N ARG B 103 12.52 3.91 -16.88
CA ARG B 103 13.28 4.98 -16.25
C ARG B 103 13.43 4.71 -14.76
N GLU B 104 12.39 4.15 -14.15
CA GLU B 104 12.43 3.77 -12.74
C GLU B 104 13.46 2.68 -12.51
N VAL B 105 13.59 1.78 -13.49
CA VAL B 105 14.55 0.69 -13.42
C VAL B 105 15.98 1.23 -13.37
N GLU B 106 16.25 2.25 -14.20
CA GLU B 106 17.55 2.89 -14.24
C GLU B 106 17.88 3.53 -12.90
N ILE B 107 16.87 4.15 -12.27
CA ILE B 107 17.04 4.75 -10.96
C ILE B 107 17.33 3.68 -9.90
N CYS B 108 16.64 2.55 -10.02
CA CYS B 108 16.84 1.43 -9.09
C CYS B 108 18.27 0.91 -9.13
N ARG B 109 18.83 0.80 -10.33
CA ARG B 109 20.19 0.29 -10.50
C ARG B 109 21.23 1.24 -9.91
N LYS B 110 21.03 2.54 -10.09
CA LYS B 110 21.97 3.54 -9.61
C LYS B 110 21.95 3.62 -8.08
N LEU B 111 20.81 3.30 -7.48
CA LEU B 111 20.67 3.37 -6.03
C LEU B 111 20.92 2.02 -5.37
N GLY B 112 21.04 0.98 -6.19
CA GLY B 112 21.33 -0.36 -5.68
C GLY B 112 20.19 -0.94 -4.88
N ILE B 113 18.96 -0.60 -5.26
CA ILE B 113 17.77 -1.11 -4.58
C ILE B 113 17.02 -2.09 -5.48
N GLY B 114 15.95 -2.68 -4.94
CA GLY B 114 15.17 -3.67 -5.66
C GLY B 114 14.34 -3.06 -6.78
N TYR B 115 13.74 -3.92 -7.61
CA TYR B 115 12.97 -3.46 -8.76
C TYR B 115 11.46 -3.61 -8.53
N HIS B 116 11.05 -3.51 -7.28
CA HIS B 116 9.65 -3.76 -6.93
C HIS B 116 8.71 -2.68 -7.45
N ILE B 117 9.16 -1.43 -7.45
CA ILE B 117 8.31 -0.32 -7.86
C ILE B 117 7.89 -0.36 -9.34
N PRO B 118 8.87 -0.50 -10.26
CA PRO B 118 8.38 -0.56 -11.65
C PRO B 118 7.62 -1.85 -11.94
N PHE B 119 7.92 -2.91 -11.20
CA PHE B 119 7.21 -4.18 -11.32
C PHE B 119 5.75 -4.00 -10.94
N ALA B 120 5.52 -3.27 -9.86
CA ALA B 120 4.16 -2.99 -9.39
C ALA B 120 3.43 -2.07 -10.36
N PHE B 121 4.16 -1.10 -10.90
CA PHE B 121 3.61 -0.14 -11.85
C PHE B 121 3.18 -0.85 -13.13
N ALA B 122 3.86 -1.95 -13.45
CA ALA B 122 3.56 -2.72 -14.65
C ALA B 122 2.13 -3.26 -14.62
N PHE B 123 1.62 -3.52 -13.42
CA PHE B 123 0.25 -3.97 -13.25
C PHE B 123 -0.75 -2.88 -13.65
N ALA B 124 -0.42 -1.64 -13.33
CA ALA B 124 -1.26 -0.50 -13.70
C ALA B 124 -1.29 -0.34 -15.22
N ILE B 125 -0.13 -0.54 -15.85
CA ILE B 125 -0.03 -0.50 -17.30
C ILE B 125 -0.86 -1.61 -17.92
N LEU B 126 -0.80 -2.79 -17.30
CA LEU B 126 -1.57 -3.94 -17.76
C LEU B 126 -3.06 -3.66 -17.76
N ALA B 127 -3.52 -2.97 -16.72
CA ALA B 127 -4.94 -2.65 -16.57
C ALA B 127 -5.41 -1.69 -17.65
N TYR B 128 -4.57 -0.69 -17.96
CA TYR B 128 -4.87 0.27 -19.01
C TYR B 128 -4.94 -0.41 -20.37
N LEU B 129 -3.96 -1.24 -20.65
CA LEU B 129 -3.90 -1.96 -21.93
C LEU B 129 -5.08 -2.91 -22.08
N THR B 130 -5.58 -3.42 -20.96
CA THR B 130 -6.72 -4.33 -20.97
C THR B 130 -7.95 -3.63 -21.53
N LEU B 131 -8.10 -2.36 -21.20
CA LEU B 131 -9.27 -1.58 -21.59
C LEU B 131 -9.15 -0.98 -22.99
N VAL B 132 -7.91 -0.72 -23.43
CA VAL B 132 -7.70 -0.02 -24.69
C VAL B 132 -7.14 -0.92 -25.80
N LEU B 133 -6.65 -2.10 -25.44
CA LEU B 133 -6.03 -2.97 -26.43
C LEU B 133 -6.57 -4.40 -26.42
N PHE B 134 -6.35 -5.10 -25.32
CA PHE B 134 -6.70 -6.51 -25.21
C PHE B 134 -8.19 -6.77 -25.45
N ARG B 135 -9.04 -6.06 -24.72
CA ARG B 135 -10.48 -6.23 -24.87
C ARG B 135 -11.03 -5.74 -26.23
N PRO B 136 -10.61 -4.54 -26.68
CA PRO B 136 -11.11 -4.13 -28.01
C PRO B 136 -10.71 -5.07 -29.15
N VAL B 137 -9.48 -5.58 -29.11
CA VAL B 137 -8.99 -6.48 -30.14
C VAL B 137 -9.75 -7.81 -30.12
N MET B 138 -9.98 -8.34 -28.93
CA MET B 138 -10.71 -9.59 -28.78
C MET B 138 -12.18 -9.46 -29.19
N MET B 139 -12.70 -8.23 -29.13
CA MET B 139 -14.07 -7.98 -29.52
C MET B 139 -14.16 -7.47 -30.97
N GLY B 140 -13.01 -7.11 -31.53
CA GLY B 140 -12.91 -6.79 -32.94
C GLY B 140 -13.20 -5.36 -33.33
N ALA B 141 -13.01 -4.42 -32.41
CA ALA B 141 -13.22 -3.00 -32.70
C ALA B 141 -12.58 -2.12 -31.63
N TRP B 142 -11.93 -1.05 -32.06
CA TRP B 142 -11.30 -0.11 -31.13
C TRP B 142 -12.35 0.67 -30.35
N GLY B 143 -13.55 0.77 -30.91
CA GLY B 143 -14.62 1.55 -30.33
C GLY B 143 -15.13 1.05 -29.00
N TYR B 144 -14.69 -0.14 -28.60
CA TYR B 144 -15.09 -0.70 -27.30
C TYR B 144 -14.25 -0.12 -26.17
N ALA B 145 -13.15 0.52 -26.51
CA ALA B 145 -12.30 1.18 -25.53
C ALA B 145 -12.95 2.48 -25.04
N PHE B 146 -12.39 3.07 -23.99
CA PHE B 146 -12.97 4.27 -23.40
C PHE B 146 -12.38 5.55 -24.00
N PRO B 147 -13.23 6.58 -24.16
CA PRO B 147 -12.81 7.89 -24.67
C PRO B 147 -11.92 8.62 -23.69
N TYR B 148 -11.07 9.50 -24.19
CA TYR B 148 -10.17 10.27 -23.34
C TYR B 148 -10.80 11.61 -22.97
N GLY B 149 -11.66 11.58 -21.96
CA GLY B 149 -12.34 12.76 -21.46
C GLY B 149 -12.72 12.54 -20.01
N ILE B 150 -12.77 13.64 -19.24
CA ILE B 150 -13.00 13.55 -17.81
C ILE B 150 -14.38 13.00 -17.46
N TRP B 151 -15.41 13.43 -18.17
CA TRP B 151 -16.76 12.98 -17.86
C TRP B 151 -17.26 11.92 -18.84
N THR B 152 -16.76 11.98 -20.07
CA THR B 152 -17.21 11.05 -21.09
C THR B 152 -16.74 9.63 -20.82
N HIS B 153 -15.58 9.49 -20.17
CA HIS B 153 -15.05 8.17 -19.87
C HIS B 153 -15.78 7.59 -18.66
N LEU B 154 -16.40 8.47 -17.89
CA LEU B 154 -17.27 8.07 -16.80
C LEU B 154 -18.55 7.44 -17.35
N ASP B 155 -19.07 8.05 -18.40
CA ASP B 155 -20.24 7.53 -19.12
C ASP B 155 -19.94 6.18 -19.76
N TRP B 156 -18.74 6.04 -20.30
CA TRP B 156 -18.28 4.77 -20.87
C TRP B 156 -18.37 3.66 -19.82
N VAL B 157 -17.92 3.97 -18.61
CA VAL B 157 -18.02 3.03 -17.49
C VAL B 157 -19.48 2.74 -17.17
N SER B 158 -20.31 3.79 -17.22
CA SER B 158 -21.73 3.65 -16.93
C SER B 158 -22.44 2.86 -18.02
N ASN B 159 -22.12 3.15 -19.27
CA ASN B 159 -22.74 2.46 -20.40
C ASN B 159 -22.31 1.01 -20.53
N THR B 160 -21.01 0.76 -20.40
CA THR B 160 -20.45 -0.58 -20.52
C THR B 160 -21.00 -1.52 -19.44
N GLY B 161 -21.04 -1.02 -18.21
CA GLY B 161 -21.49 -1.81 -17.08
C GLY B 161 -22.92 -2.28 -17.18
N TYR B 162 -23.83 -1.37 -17.54
CA TYR B 162 -25.25 -1.69 -17.63
C TYR B 162 -25.60 -2.54 -18.86
N THR B 163 -24.71 -2.58 -19.84
CA THR B 163 -24.90 -3.40 -21.04
C THR B 163 -25.06 -4.86 -20.65
N TYR B 164 -24.45 -5.23 -19.55
CA TYR B 164 -24.50 -6.58 -19.02
C TYR B 164 -25.32 -6.62 -17.73
N GLY B 165 -26.39 -5.84 -17.70
CA GLY B 165 -27.27 -5.78 -16.55
C GLY B 165 -26.65 -5.08 -15.35
N ASN B 166 -26.60 -5.76 -14.21
CA ASN B 166 -25.92 -5.23 -13.04
C ASN B 166 -24.53 -5.82 -12.94
N PHE B 167 -23.53 -4.97 -13.11
CA PHE B 167 -22.14 -5.42 -13.20
C PHE B 167 -21.62 -5.91 -11.85
N HIS B 168 -22.41 -5.72 -10.80
CA HIS B 168 -22.05 -6.20 -9.47
C HIS B 168 -21.90 -7.71 -9.44
N TYR B 169 -22.63 -8.39 -10.31
CA TYR B 169 -22.73 -9.84 -10.26
C TYR B 169 -21.55 -10.56 -10.93
N ASN B 170 -20.70 -9.79 -11.61
CA ASN B 170 -19.45 -10.33 -12.12
C ASN B 170 -18.64 -10.87 -10.94
N PRO B 171 -18.29 -12.17 -10.97
CA PRO B 171 -17.56 -12.78 -9.86
C PRO B 171 -16.12 -12.28 -9.75
N ALA B 172 -15.46 -12.05 -10.88
CA ALA B 172 -14.11 -11.50 -10.87
C ALA B 172 -14.14 -10.05 -10.39
N HIS B 173 -15.32 -9.44 -10.52
CA HIS B 173 -15.55 -8.07 -10.07
C HIS B 173 -15.54 -7.98 -8.55
N MET B 174 -16.33 -8.84 -7.90
CA MET B 174 -16.40 -8.91 -6.45
C MET B 174 -15.04 -9.10 -5.79
N ILE B 175 -14.24 -9.99 -6.36
CA ILE B 175 -12.90 -10.26 -5.85
C ILE B 175 -12.03 -8.99 -5.91
N ALA B 176 -12.08 -8.30 -7.05
CA ALA B 176 -11.30 -7.08 -7.24
C ALA B 176 -11.73 -6.00 -6.24
N ILE B 177 -13.03 -5.81 -6.11
CA ILE B 177 -13.59 -4.86 -5.15
C ILE B 177 -13.15 -5.18 -3.72
N SER B 178 -13.21 -6.46 -3.36
CA SER B 178 -12.86 -6.90 -2.01
C SER B 178 -11.42 -6.56 -1.66
N PHE B 179 -10.54 -6.64 -2.65
CA PHE B 179 -9.14 -6.31 -2.45
C PHE B 179 -8.94 -4.79 -2.36
N PHE B 180 -9.73 -4.03 -3.12
CA PHE B 180 -9.67 -2.58 -3.06
C PHE B 180 -10.07 -2.07 -1.68
N PHE B 181 -11.13 -2.65 -1.13
CA PHE B 181 -11.60 -2.28 0.20
C PHE B 181 -10.61 -2.70 1.28
N THR B 182 -10.13 -3.94 1.17
CA THR B 182 -9.18 -4.49 2.13
C THR B 182 -7.86 -3.71 2.09
N ASN B 183 -7.48 -3.26 0.90
CA ASN B 183 -6.25 -2.48 0.75
C ASN B 183 -6.34 -1.15 1.50
N ALA B 184 -7.46 -0.46 1.35
CA ALA B 184 -7.71 0.79 2.07
C ALA B 184 -7.76 0.52 3.56
N LEU B 185 -8.26 -0.66 3.92
CA LEU B 185 -8.34 -1.07 5.31
C LEU B 185 -6.95 -1.26 5.90
N ALA B 186 -6.08 -1.94 5.16
CA ALA B 186 -4.72 -2.20 5.61
C ALA B 186 -3.86 -0.94 5.60
N LEU B 187 -4.12 -0.05 4.65
CA LEU B 187 -3.37 1.20 4.55
C LEU B 187 -3.66 2.09 5.75
N ALA B 188 -4.92 2.17 6.13
CA ALA B 188 -5.33 2.95 7.28
C ALA B 188 -4.73 2.39 8.56
N LEU B 189 -4.75 1.06 8.68
CA LEU B 189 -4.26 0.40 9.88
C LEU B 189 -2.74 0.54 10.03
N HIS B 190 -2.03 0.37 8.92
CA HIS B 190 -0.57 0.45 8.96
C HIS B 190 -0.10 1.87 9.25
N GLY B 191 -0.74 2.84 8.62
CA GLY B 191 -0.41 4.24 8.85
C GLY B 191 -0.70 4.67 10.27
N ALA B 192 -1.85 4.25 10.79
CA ALA B 192 -2.25 4.59 12.15
C ALA B 192 -1.31 3.93 13.16
N LEU B 193 -0.91 2.69 12.88
CA LEU B 193 -0.09 1.93 13.82
C LEU B 193 1.29 2.54 14.00
N VAL B 194 1.95 2.85 12.88
CA VAL B 194 3.29 3.44 12.92
C VAL B 194 3.28 4.80 13.60
N LEU B 195 2.31 5.63 13.21
CA LEU B 195 2.19 6.98 13.75
C LEU B 195 1.85 6.98 15.24
N SER B 196 1.07 6.00 15.68
CA SER B 196 0.67 5.93 17.08
C SER B 196 1.83 5.49 17.97
N ALA B 197 2.80 4.79 17.38
CA ALA B 197 3.97 4.33 18.12
C ALA B 197 5.03 5.41 18.16
N ALA B 198 5.17 6.14 17.05
CA ALA B 198 6.14 7.21 16.93
C ALA B 198 5.65 8.48 17.64
N ASN B 199 4.32 8.62 17.74
CA ASN B 199 3.73 9.77 18.42
C ASN B 199 2.74 9.34 19.48
N PRO B 200 3.24 8.86 20.63
CA PRO B 200 2.41 8.31 21.71
C PRO B 200 1.66 9.39 22.49
N GLU B 201 1.09 9.01 23.63
CA GLU B 201 0.42 9.97 24.50
C GLU B 201 1.39 11.02 24.98
N LYS B 202 0.86 12.18 25.38
CA LYS B 202 1.70 13.23 25.94
C LYS B 202 2.34 12.74 27.24
N GLY B 203 3.61 13.10 27.43
CA GLY B 203 4.33 12.69 28.62
C GLY B 203 4.86 11.27 28.55
N LYS B 204 4.83 10.70 27.35
CA LYS B 204 5.29 9.32 27.15
C LYS B 204 6.46 9.26 26.18
N GLU B 205 7.32 8.27 26.36
CA GLU B 205 8.46 8.08 25.48
C GLU B 205 7.99 7.44 24.17
N MET B 206 8.80 7.59 23.13
CA MET B 206 8.53 6.95 21.84
C MET B 206 8.47 5.44 22.01
N ARG B 207 7.41 4.82 21.48
CA ARG B 207 7.20 3.38 21.62
C ARG B 207 8.08 2.56 20.70
N THR B 208 8.13 1.25 20.96
CA THR B 208 8.97 0.34 20.19
C THR B 208 8.13 -0.47 19.20
N PRO B 209 8.77 -1.16 18.25
CA PRO B 209 7.99 -2.04 17.38
C PRO B 209 7.30 -3.17 18.15
N ASP B 210 7.76 -3.43 19.37
CA ASP B 210 7.13 -4.43 20.23
C ASP B 210 5.73 -4.00 20.63
N HIS B 211 5.52 -2.69 20.74
CA HIS B 211 4.22 -2.14 21.08
C HIS B 211 3.22 -2.29 19.94
N GLU B 212 3.73 -2.18 18.71
CA GLU B 212 2.88 -2.33 17.53
C GLU B 212 2.33 -3.75 17.43
N ASP B 213 3.20 -4.73 17.59
CA ASP B 213 2.80 -6.13 17.60
C ASP B 213 1.80 -6.39 18.72
N THR B 214 2.12 -5.86 19.91
CA THR B 214 1.31 -6.06 21.09
C THR B 214 -0.09 -5.45 20.94
N PHE B 215 -0.16 -4.32 20.26
CA PHE B 215 -1.45 -3.63 20.08
C PHE B 215 -2.43 -4.47 19.28
N PHE B 216 -1.97 -5.00 18.15
CA PHE B 216 -2.83 -5.79 17.28
C PHE B 216 -3.12 -7.18 17.84
N ARG B 217 -2.17 -7.73 18.59
CA ARG B 217 -2.40 -9.02 19.25
C ARG B 217 -3.39 -8.86 20.40
N ASP B 218 -3.37 -7.70 21.06
CA ASP B 218 -4.37 -7.40 22.06
C ASP B 218 -5.71 -7.17 21.38
N LEU B 219 -5.67 -6.64 20.16
CA LEU B 219 -6.87 -6.25 19.44
C LEU B 219 -7.54 -7.42 18.73
N VAL B 220 -6.78 -8.11 17.87
CA VAL B 220 -7.36 -9.18 17.06
C VAL B 220 -6.68 -10.53 17.28
N GLY B 221 -5.58 -10.52 18.03
CA GLY B 221 -4.91 -11.76 18.41
C GLY B 221 -3.77 -12.15 17.50
N TYR B 222 -3.42 -11.28 16.56
CA TYR B 222 -2.33 -11.57 15.63
C TYR B 222 -1.79 -10.33 14.95
N TRP B 223 -0.46 -10.25 14.83
CA TRP B 223 0.14 -9.21 14.01
C TRP B 223 1.07 -9.84 12.98
N ILE B 224 1.00 -9.31 11.76
CA ILE B 224 1.72 -9.89 10.63
C ILE B 224 3.19 -9.48 10.61
N GLY B 225 3.50 -8.36 11.25
CA GLY B 225 4.87 -7.89 11.34
C GLY B 225 5.17 -6.73 10.41
N THR B 226 6.32 -6.09 10.62
CA THR B 226 6.71 -4.92 9.85
C THR B 226 6.99 -5.27 8.38
N LEU B 227 7.63 -6.41 8.17
CA LEU B 227 7.98 -6.83 6.82
C LEU B 227 6.76 -7.41 6.11
N GLY B 228 5.94 -8.13 6.85
CA GLY B 228 4.78 -8.80 6.30
C GLY B 228 3.66 -7.88 5.86
N ILE B 229 3.52 -6.74 6.55
CA ILE B 229 2.43 -5.82 6.23
C ILE B 229 2.70 -5.08 4.92
N HIS B 230 3.97 -4.82 4.62
CA HIS B 230 4.33 -4.18 3.36
C HIS B 230 4.22 -5.19 2.23
N ARG B 231 4.49 -6.45 2.54
CA ARG B 231 4.24 -7.54 1.61
C ARG B 231 2.75 -7.63 1.31
N LEU B 232 1.95 -7.50 2.38
CA LEU B 232 0.51 -7.61 2.28
C LEU B 232 -0.11 -6.46 1.49
N GLY B 233 0.31 -5.25 1.82
CA GLY B 233 -0.20 -4.06 1.16
C GLY B 233 0.07 -4.06 -0.33
N LEU B 234 1.24 -4.55 -0.71
CA LEU B 234 1.58 -4.66 -2.12
C LEU B 234 0.67 -5.69 -2.78
N LEU B 235 0.52 -6.85 -2.15
CA LEU B 235 -0.30 -7.93 -2.69
C LEU B 235 -1.76 -7.50 -2.87
N LEU B 236 -2.31 -6.86 -1.86
CA LEU B 236 -3.70 -6.42 -1.89
C LEU B 236 -3.96 -5.46 -3.05
N SER B 237 -3.09 -4.49 -3.22
CA SER B 237 -3.25 -3.50 -4.29
C SER B 237 -3.04 -4.12 -5.67
N LEU B 238 -2.03 -4.98 -5.79
CA LEU B 238 -1.76 -5.66 -7.06
C LEU B 238 -2.89 -6.61 -7.43
N SER B 239 -3.41 -7.32 -6.44
CA SER B 239 -4.50 -8.27 -6.67
C SER B 239 -5.79 -7.56 -7.07
N ALA B 240 -6.02 -6.39 -6.48
CA ALA B 240 -7.18 -5.58 -6.80
C ALA B 240 -7.19 -5.18 -8.26
N VAL B 241 -6.02 -4.77 -8.75
CA VAL B 241 -5.86 -4.35 -10.14
C VAL B 241 -5.83 -5.55 -11.08
N PHE B 242 -5.24 -6.65 -10.63
CA PHE B 242 -5.16 -7.86 -11.43
C PHE B 242 -6.54 -8.41 -11.77
N PHE B 243 -7.37 -8.57 -10.75
CA PHE B 243 -8.73 -9.06 -10.96
C PHE B 243 -9.60 -8.02 -11.66
N SER B 244 -9.20 -6.75 -11.55
CA SER B 244 -9.89 -5.66 -12.22
C SER B 244 -9.78 -5.83 -13.73
N ALA B 245 -8.56 -6.03 -14.20
CA ALA B 245 -8.31 -6.31 -15.61
C ALA B 245 -8.95 -7.64 -16.01
N LEU B 246 -8.90 -8.61 -15.10
CA LEU B 246 -9.48 -9.92 -15.33
C LEU B 246 -11.00 -9.87 -15.49
N CYS B 247 -11.65 -9.01 -14.71
CA CYS B 247 -13.10 -8.91 -14.75
C CYS B 247 -13.57 -8.23 -16.04
N MET B 248 -12.64 -7.58 -16.74
CA MET B 248 -12.98 -6.88 -17.97
C MET B 248 -12.58 -7.65 -19.22
N ILE B 249 -11.54 -8.48 -19.10
CA ILE B 249 -11.06 -9.25 -20.24
C ILE B 249 -12.00 -10.40 -20.57
N ILE B 250 -12.79 -10.82 -19.58
CA ILE B 250 -13.69 -11.96 -19.77
C ILE B 250 -15.12 -11.52 -20.10
N THR B 251 -15.42 -10.24 -19.90
CA THR B 251 -16.76 -9.73 -20.23
C THR B 251 -16.78 -9.24 -21.68
N GLY B 252 -17.78 -9.69 -22.44
CA GLY B 252 -17.88 -9.34 -23.84
C GLY B 252 -16.97 -10.18 -24.73
N THR B 253 -16.35 -11.20 -24.14
CA THR B 253 -15.44 -12.08 -24.89
C THR B 253 -15.82 -13.55 -24.75
N ILE B 254 -15.81 -14.07 -23.53
CA ILE B 254 -16.26 -15.43 -23.27
C ILE B 254 -17.61 -15.39 -22.56
N TRP B 255 -18.04 -14.18 -22.23
CA TRP B 255 -19.34 -13.96 -21.61
C TRP B 255 -20.04 -12.76 -22.25
N PHE B 256 -21.25 -12.97 -22.76
CA PHE B 256 -21.96 -11.92 -23.47
C PHE B 256 -23.27 -11.54 -22.79
N ASP B 257 -23.68 -12.31 -21.79
CA ASP B 257 -25.00 -12.12 -21.19
C ASP B 257 -24.94 -11.36 -19.87
N GLN B 258 -26.10 -11.16 -19.25
CA GLN B 258 -26.17 -10.45 -17.99
C GLN B 258 -25.55 -11.28 -16.87
N TRP B 259 -24.67 -10.66 -16.09
CA TRP B 259 -23.94 -11.35 -15.03
C TRP B 259 -24.86 -11.87 -13.93
N VAL B 260 -26.10 -11.40 -13.92
CA VAL B 260 -27.12 -11.92 -13.02
C VAL B 260 -27.30 -13.43 -13.20
N ASP B 261 -27.14 -13.90 -14.42
CA ASP B 261 -27.44 -15.29 -14.72
C ASP B 261 -26.25 -16.21 -14.49
N TRP B 262 -25.11 -15.65 -14.11
CA TRP B 262 -23.92 -16.46 -13.88
C TRP B 262 -24.15 -17.38 -12.71
N TRP B 263 -24.86 -16.88 -11.70
CA TRP B 263 -25.02 -17.61 -10.45
C TRP B 263 -25.98 -18.79 -10.54
N GLN B 264 -26.31 -19.24 -11.75
CA GLN B 264 -27.22 -20.37 -11.89
C GLN B 264 -26.52 -21.70 -11.61
N TRP B 265 -25.21 -21.75 -11.81
CA TRP B 265 -24.46 -22.99 -11.57
C TRP B 265 -24.40 -23.34 -10.10
N TRP B 266 -25.12 -22.60 -9.27
CA TRP B 266 -25.23 -22.91 -7.86
C TRP B 266 -26.70 -23.18 -7.54
N VAL B 267 -27.56 -22.32 -8.06
CA VAL B 267 -28.99 -22.39 -7.74
C VAL B 267 -29.66 -23.59 -8.39
N LYS B 268 -29.45 -23.76 -9.69
CA LYS B 268 -30.20 -24.75 -10.46
C LYS B 268 -29.52 -26.10 -10.53
N LEU B 269 -28.86 -26.48 -9.44
CA LEU B 269 -28.21 -27.78 -9.35
C LEU B 269 -29.24 -28.90 -9.27
N PRO B 270 -28.94 -30.04 -9.89
CA PRO B 270 -29.90 -31.15 -9.84
C PRO B 270 -29.92 -31.83 -8.47
N TRP B 271 -30.07 -31.05 -7.41
CA TRP B 271 -30.29 -31.62 -6.08
C TRP B 271 -31.47 -30.88 -5.48
N TRP B 272 -31.43 -29.56 -5.60
CA TRP B 272 -32.36 -28.68 -4.92
C TRP B 272 -33.06 -27.70 -5.86
N ALA B 273 -32.88 -27.86 -7.16
CA ALA B 273 -33.46 -26.92 -8.13
C ALA B 273 -34.95 -27.16 -8.35
N ASN B 274 -35.59 -27.86 -7.41
CA ASN B 274 -37.01 -28.15 -7.52
C ASN B 274 -37.72 -28.02 -6.17
N ILE B 275 -36.95 -28.13 -5.09
CA ILE B 275 -37.50 -28.05 -3.74
C ILE B 275 -38.24 -26.72 -3.54
N PRO B 276 -39.52 -26.79 -3.17
CA PRO B 276 -40.34 -25.58 -3.00
C PRO B 276 -39.89 -24.72 -1.83
N GLY B 277 -40.42 -23.51 -1.75
CA GLY B 277 -40.03 -22.59 -0.68
C GLY B 277 -38.72 -21.90 -0.96
N GLY B 278 -38.37 -20.93 -0.14
CA GLY B 278 -37.17 -20.15 -0.36
C GLY B 278 -37.43 -19.01 -1.33
N ILE B 279 -36.42 -18.21 -1.59
CA ILE B 279 -36.55 -17.07 -2.48
C ILE B 279 -36.79 -17.49 -3.93
N ASN B 280 -35.97 -18.41 -4.42
CA ASN B 280 -36.05 -18.84 -5.81
C ASN B 280 -37.22 -19.78 -6.10
N GLY B 281 -37.47 -20.70 -5.18
CA GLY B 281 -38.56 -21.66 -5.34
C GLY B 281 -39.92 -21.07 -5.04
N ALA C 1 15.79 -14.84 -10.42
CA ALA C 1 15.58 -13.75 -9.48
C ALA C 1 16.41 -13.96 -8.21
N GLU C 2 17.41 -13.10 -8.04
CA GLU C 2 18.30 -13.16 -6.89
C GLU C 2 17.64 -12.64 -5.63
N TYR C 3 16.41 -12.17 -5.76
CA TYR C 3 15.81 -11.32 -4.75
C TYR C 3 14.28 -11.24 -4.87
N GLN C 4 13.60 -12.19 -4.22
CA GLN C 4 12.14 -12.22 -4.21
C GLN C 4 11.58 -11.41 -3.05
N ASN C 5 11.76 -11.92 -1.83
CA ASN C 5 11.31 -11.27 -0.60
C ASN C 5 9.81 -11.02 -0.55
N ILE C 6 9.05 -11.80 -1.30
CA ILE C 6 7.59 -11.81 -1.17
C ILE C 6 7.25 -12.87 -0.14
N PHE C 7 7.98 -13.98 -0.19
CA PHE C 7 7.91 -15.02 0.82
C PHE C 7 9.31 -15.28 1.38
N SER C 8 9.38 -15.53 2.69
CA SER C 8 10.66 -15.84 3.32
C SER C 8 11.18 -17.18 2.82
N GLN C 9 12.51 -17.32 2.76
CA GLN C 9 13.12 -18.57 2.33
C GLN C 9 13.38 -19.49 3.51
N VAL C 10 13.76 -18.93 4.65
CA VAL C 10 14.02 -19.71 5.84
C VAL C 10 13.24 -19.19 7.04
N GLN C 11 12.56 -20.09 7.75
CA GLN C 11 11.83 -19.71 8.95
C GLN C 11 12.60 -20.08 10.21
N VAL C 12 12.65 -19.16 11.17
CA VAL C 12 13.24 -19.46 12.47
C VAL C 12 12.17 -19.33 13.55
N ARG C 13 12.31 -20.09 14.62
CA ARG C 13 11.30 -20.12 15.66
C ARG C 13 11.91 -20.20 17.05
N GLY C 14 11.43 -19.37 17.97
CA GLY C 14 11.87 -19.39 19.35
C GLY C 14 10.69 -19.29 20.30
N PRO C 15 10.97 -19.08 21.59
CA PRO C 15 9.92 -18.91 22.61
C PRO C 15 8.94 -17.81 22.24
N ALA C 16 7.66 -18.01 22.58
CA ALA C 16 6.64 -17.05 22.24
C ALA C 16 6.85 -15.73 22.97
N ASP C 17 6.61 -14.63 22.25
CA ASP C 17 6.71 -13.31 22.84
C ASP C 17 5.40 -12.97 23.53
N LEU C 18 5.46 -12.77 24.84
CA LEU C 18 4.26 -12.49 25.64
C LEU C 18 3.82 -11.05 25.44
N GLY C 19 4.69 -10.23 24.85
CA GLY C 19 4.35 -8.85 24.53
C GLY C 19 4.64 -7.86 25.63
N MET C 20 4.60 -6.58 25.29
CA MET C 20 4.83 -5.51 26.26
C MET C 20 3.69 -5.49 27.27
N THR C 21 4.02 -5.15 28.52
CA THR C 21 3.03 -5.11 29.57
C THR C 21 2.44 -3.71 29.74
N GLU C 22 3.27 -2.77 30.18
CA GLU C 22 2.85 -1.41 30.46
C GLU C 22 1.70 -1.38 31.45
N ASP C 23 0.57 -0.84 31.05
CA ASP C 23 -0.58 -0.70 31.95
C ASP C 23 -1.76 -1.58 31.55
N VAL C 24 -1.51 -2.58 30.71
CA VAL C 24 -2.59 -3.49 30.33
C VAL C 24 -2.85 -4.45 31.48
N ASN C 25 -4.12 -4.81 31.65
CA ASN C 25 -4.48 -5.80 32.65
C ASN C 25 -4.18 -7.20 32.12
N LEU C 26 -3.04 -7.75 32.54
CA LEU C 26 -2.58 -9.03 32.04
C LEU C 26 -3.56 -10.18 32.33
N ALA C 27 -4.43 -9.98 33.31
CA ALA C 27 -5.38 -11.01 33.72
C ALA C 27 -6.39 -11.31 32.61
N ASN C 28 -6.55 -10.36 31.69
CA ASN C 28 -7.52 -10.50 30.60
C ASN C 28 -6.88 -10.96 29.29
N ARG C 29 -5.60 -11.31 29.35
CA ARG C 29 -4.91 -11.84 28.17
C ARG C 29 -4.98 -13.36 28.14
N SER C 30 -5.20 -13.92 26.95
CA SER C 30 -5.25 -15.36 26.78
C SER C 30 -3.85 -15.96 26.79
N GLY C 31 -3.77 -17.28 26.58
CA GLY C 31 -2.50 -17.93 26.41
C GLY C 31 -2.08 -17.80 24.96
N VAL C 32 -0.87 -18.23 24.63
CA VAL C 32 -0.42 -18.18 23.25
C VAL C 32 -0.96 -19.39 22.50
N GLY C 33 -1.25 -19.20 21.22
CA GLY C 33 -1.75 -20.29 20.40
C GLY C 33 -0.61 -21.07 19.78
N PRO C 34 -0.93 -21.94 18.81
CA PRO C 34 0.12 -22.69 18.11
C PRO C 34 0.78 -21.81 17.05
N PHE C 35 1.96 -22.21 16.61
CA PHE C 35 2.64 -21.50 15.52
C PHE C 35 2.13 -22.00 14.18
N SER C 36 1.99 -21.09 13.22
CA SER C 36 1.53 -21.46 11.89
C SER C 36 2.64 -21.36 10.87
N THR C 37 3.12 -22.50 10.40
CA THR C 37 4.17 -22.54 9.39
C THR C 37 3.68 -21.87 8.10
N LEU C 38 2.42 -22.11 7.76
CA LEU C 38 1.80 -21.51 6.58
C LEU C 38 1.89 -19.99 6.62
N LEU C 39 1.47 -19.41 7.73
CA LEU C 39 1.55 -17.96 7.93
C LEU C 39 3.00 -17.50 8.04
N GLY C 40 3.87 -18.38 8.50
CA GLY C 40 5.26 -18.05 8.73
C GLY C 40 6.04 -17.67 7.49
N TRP C 41 5.56 -18.11 6.34
CA TRP C 41 6.23 -17.80 5.07
C TRP C 41 6.02 -16.35 4.67
N PHE C 42 4.90 -15.78 5.11
CA PHE C 42 4.52 -14.44 4.69
C PHE C 42 4.77 -13.40 5.78
N GLY C 43 4.43 -13.75 7.02
CA GLY C 43 4.66 -12.87 8.16
C GLY C 43 5.03 -13.66 9.40
N ASN C 44 4.59 -13.17 10.56
CA ASN C 44 4.83 -13.87 11.82
C ASN C 44 4.01 -15.15 11.90
N ALA C 45 4.57 -16.15 12.58
CA ALA C 45 3.91 -17.45 12.70
C ALA C 45 3.13 -17.56 14.01
N GLN C 46 3.47 -16.69 14.96
CA GLN C 46 2.86 -16.73 16.29
C GLN C 46 1.39 -16.33 16.28
N LEU C 47 0.56 -17.17 16.89
CA LEU C 47 -0.85 -16.88 17.07
C LEU C 47 -1.13 -16.57 18.54
N GLY C 48 -1.79 -15.45 18.79
CA GLY C 48 -2.09 -15.04 20.15
C GLY C 48 -0.89 -14.41 20.83
N PRO C 49 -1.05 -13.99 22.10
CA PRO C 49 -2.31 -14.04 22.86
C PRO C 49 -3.29 -12.95 22.45
N ILE C 50 -4.52 -13.02 22.94
CA ILE C 50 -5.51 -12.00 22.67
C ILE C 50 -6.01 -11.38 23.97
N TYR C 51 -6.41 -10.11 23.91
CA TYR C 51 -6.94 -9.42 25.08
C TYR C 51 -8.47 -9.32 24.98
N LEU C 52 -9.16 -9.53 26.10
CA LEU C 52 -10.60 -9.38 26.12
C LEU C 52 -11.03 -8.00 26.60
N GLY C 53 -11.01 -7.81 27.91
CA GLY C 53 -11.58 -6.61 28.50
C GLY C 53 -13.08 -6.74 28.57
N SER C 54 -13.72 -5.84 29.30
CA SER C 54 -15.17 -5.81 29.40
C SER C 54 -15.83 -5.45 28.07
N LEU C 55 -15.25 -4.49 27.36
CA LEU C 55 -15.81 -4.04 26.09
C LEU C 55 -15.70 -5.12 25.02
N GLY C 56 -14.60 -5.86 25.03
CA GLY C 56 -14.36 -6.90 24.05
C GLY C 56 -15.39 -8.02 24.14
N VAL C 57 -15.66 -8.45 25.36
CA VAL C 57 -16.66 -9.49 25.61
C VAL C 57 -18.04 -9.01 25.16
N LEU C 58 -18.36 -7.76 25.50
CA LEU C 58 -19.62 -7.15 25.11
C LEU C 58 -19.74 -7.04 23.60
N SER C 59 -18.62 -6.78 22.93
CA SER C 59 -18.60 -6.62 21.49
C SER C 59 -18.86 -7.93 20.77
N LEU C 60 -18.15 -8.99 21.17
CA LEU C 60 -18.32 -10.31 20.57
C LEU C 60 -19.74 -10.82 20.75
N PHE C 61 -20.30 -10.62 21.95
CA PHE C 61 -21.64 -11.09 22.25
C PHE C 61 -22.68 -10.37 21.39
N SER C 62 -22.66 -9.04 21.44
CA SER C 62 -23.61 -8.23 20.68
C SER C 62 -23.45 -8.46 19.19
N GLY C 63 -22.21 -8.74 18.78
CA GLY C 63 -21.95 -9.13 17.40
C GLY C 63 -22.68 -10.42 17.08
N LEU C 64 -22.40 -11.46 17.87
CA LEU C 64 -23.00 -12.77 17.66
C LEU C 64 -24.52 -12.74 17.66
N MET C 65 -25.10 -11.82 18.43
CA MET C 65 -26.55 -11.64 18.47
C MET C 65 -27.03 -11.06 17.15
N TRP C 66 -26.22 -10.20 16.56
CA TRP C 66 -26.53 -9.62 15.26
C TRP C 66 -26.62 -10.70 14.17
N PHE C 67 -25.77 -11.71 14.26
CA PHE C 67 -25.80 -12.79 13.27
C PHE C 67 -27.03 -13.67 13.36
N PHE C 68 -27.26 -14.18 14.57
CA PHE C 68 -28.33 -15.12 14.81
C PHE C 68 -29.68 -14.50 14.44
N THR C 69 -29.82 -13.21 14.71
CA THR C 69 -31.03 -12.48 14.33
C THR C 69 -31.18 -12.52 12.82
N ILE C 70 -30.07 -12.30 12.11
CA ILE C 70 -30.04 -12.44 10.66
C ILE C 70 -30.12 -13.92 10.26
N GLY C 71 -29.38 -14.76 10.99
CA GLY C 71 -29.34 -16.19 10.71
C GLY C 71 -30.70 -16.87 10.81
N ILE C 72 -31.42 -16.61 11.89
CA ILE C 72 -32.74 -17.19 12.08
C ILE C 72 -33.69 -16.76 10.97
N TRP C 73 -33.66 -15.49 10.60
CA TRP C 73 -34.50 -14.97 9.53
C TRP C 73 -34.19 -15.64 8.20
N PHE C 74 -32.92 -15.90 7.94
CA PHE C 74 -32.51 -16.59 6.73
C PHE C 74 -33.08 -18.00 6.71
N TRP C 75 -33.00 -18.67 7.85
CA TRP C 75 -33.57 -20.01 7.98
C TRP C 75 -35.09 -19.98 7.79
N TYR C 76 -35.71 -18.91 8.26
CA TYR C 76 -37.16 -18.76 8.15
C TYR C 76 -37.60 -18.64 6.69
N GLN C 77 -36.89 -17.82 5.92
CA GLN C 77 -37.20 -17.61 4.51
C GLN C 77 -37.01 -18.89 3.71
N ALA C 78 -36.15 -19.78 4.22
CA ALA C 78 -35.85 -21.04 3.54
C ALA C 78 -36.81 -22.15 3.95
N GLY C 79 -37.86 -21.79 4.69
CA GLY C 79 -38.88 -22.74 5.10
C GLY C 79 -38.31 -23.84 5.97
N TRP C 80 -37.29 -23.50 6.75
CA TRP C 80 -36.58 -24.42 7.65
C TRP C 80 -35.97 -25.62 6.90
N ASN C 81 -35.70 -25.45 5.62
CA ASN C 81 -35.08 -26.50 4.81
C ASN C 81 -33.59 -26.21 4.60
N PRO C 82 -32.72 -27.07 5.13
CA PRO C 82 -31.26 -26.94 5.09
C PRO C 82 -30.70 -26.80 3.67
N ALA C 83 -31.28 -27.55 2.73
CA ALA C 83 -30.88 -27.49 1.32
C ALA C 83 -31.20 -26.16 0.68
N VAL C 84 -32.46 -25.75 0.79
CA VAL C 84 -32.91 -24.46 0.27
C VAL C 84 -32.17 -23.31 0.97
N PHE C 85 -31.71 -23.56 2.19
CA PHE C 85 -30.93 -22.58 2.93
C PHE C 85 -29.58 -22.32 2.26
N LEU C 86 -28.89 -23.39 1.86
CA LEU C 86 -27.57 -23.24 1.25
C LEU C 86 -27.66 -22.95 -0.25
N ARG C 87 -28.81 -23.25 -0.84
CA ARG C 87 -29.05 -22.90 -2.24
C ARG C 87 -29.25 -21.40 -2.41
N ASP C 88 -30.06 -20.81 -1.55
CA ASP C 88 -30.40 -19.40 -1.66
C ASP C 88 -29.71 -18.55 -0.59
N LEU C 89 -28.55 -18.98 -0.14
CA LEU C 89 -27.79 -18.28 0.89
C LEU C 89 -27.51 -16.83 0.49
N PHE C 90 -27.15 -16.63 -0.78
CA PHE C 90 -26.79 -15.31 -1.28
C PHE C 90 -28.01 -14.46 -1.64
N PHE C 91 -29.18 -15.11 -1.72
CA PHE C 91 -30.39 -14.41 -2.12
C PHE C 91 -31.23 -13.95 -0.94
N PHE C 92 -30.93 -14.51 0.24
CA PHE C 92 -31.65 -14.15 1.46
C PHE C 92 -31.39 -12.69 1.82
N SER C 93 -32.38 -12.06 2.43
CA SER C 93 -32.27 -10.65 2.79
C SER C 93 -33.17 -10.27 3.96
N LEU C 94 -32.56 -9.67 4.98
CA LEU C 94 -33.31 -9.10 6.10
C LEU C 94 -33.55 -7.61 5.82
N GLU C 95 -34.76 -7.28 5.39
CA GLU C 95 -35.07 -5.93 4.95
C GLU C 95 -35.63 -5.05 6.06
N PRO C 96 -35.36 -3.73 6.00
CA PRO C 96 -35.90 -2.77 6.96
C PRO C 96 -37.41 -2.62 6.84
N PRO C 97 -38.07 -2.05 7.85
CA PRO C 97 -39.52 -1.82 7.80
C PRO C 97 -39.97 -1.05 6.57
N ALA C 98 -41.16 -1.35 6.07
CA ALA C 98 -41.75 -0.64 4.94
C ALA C 98 -41.94 0.84 5.26
N PRO C 99 -42.05 1.70 4.22
CA PRO C 99 -42.26 3.14 4.44
C PRO C 99 -43.47 3.47 5.31
N GLU C 100 -44.45 2.56 5.36
CA GLU C 100 -45.66 2.75 6.15
C GLU C 100 -45.40 3.11 7.61
N TYR C 101 -44.37 2.49 8.19
CA TYR C 101 -44.10 2.63 9.61
C TYR C 101 -43.22 3.83 9.93
N GLY C 102 -42.77 4.53 8.89
CA GLY C 102 -41.97 5.73 9.07
C GLY C 102 -40.70 5.51 9.88
N LEU C 103 -40.58 6.24 10.99
CA LEU C 103 -39.42 6.10 11.87
C LEU C 103 -39.79 5.47 13.20
N SER C 104 -40.87 4.69 13.21
CA SER C 104 -41.34 4.06 14.44
C SER C 104 -40.71 2.68 14.63
N PHE C 105 -40.53 2.30 15.88
CA PHE C 105 -40.00 0.99 16.22
C PHE C 105 -41.15 0.01 16.45
N ALA C 106 -42.34 0.37 15.97
CA ALA C 106 -43.54 -0.43 16.21
C ALA C 106 -43.89 -1.32 15.02
N ALA C 107 -42.86 -1.81 14.34
CA ALA C 107 -43.05 -2.74 13.23
C ALA C 107 -42.96 -4.18 13.71
N PRO C 108 -43.89 -5.04 13.26
CA PRO C 108 -43.86 -6.45 13.63
C PRO C 108 -42.59 -7.15 13.17
N LEU C 109 -42.21 -8.24 13.84
CA LEU C 109 -40.92 -8.89 13.61
C LEU C 109 -40.75 -9.38 12.17
N LYS C 110 -41.84 -9.86 11.59
CA LYS C 110 -41.78 -10.41 10.23
C LYS C 110 -41.91 -9.32 9.16
N GLU C 111 -41.99 -8.06 9.59
CA GLU C 111 -42.13 -6.95 8.65
C GLU C 111 -41.16 -5.80 8.94
N GLY C 112 -39.94 -6.15 9.33
CA GLY C 112 -38.90 -5.16 9.58
C GLY C 112 -38.54 -5.00 11.04
N GLY C 113 -39.29 -5.66 11.91
CA GLY C 113 -39.06 -5.58 13.33
C GLY C 113 -37.75 -6.23 13.72
N LEU C 114 -37.46 -7.36 13.08
CA LEU C 114 -36.24 -8.12 13.32
C LEU C 114 -35.02 -7.35 12.82
N TRP C 115 -35.19 -6.62 11.72
CA TRP C 115 -34.14 -5.78 11.16
C TRP C 115 -33.69 -4.72 12.16
N LEU C 116 -34.66 -4.13 12.85
CA LEU C 116 -34.39 -3.15 13.90
C LEU C 116 -33.60 -3.77 15.05
N ILE C 117 -33.96 -4.99 15.40
CA ILE C 117 -33.28 -5.72 16.49
C ILE C 117 -31.85 -6.05 16.09
N ALA C 118 -31.68 -6.52 14.86
CA ALA C 118 -30.35 -6.84 14.32
C ALA C 118 -29.46 -5.59 14.30
N SER C 119 -30.01 -4.50 13.76
CA SER C 119 -29.27 -3.25 13.64
C SER C 119 -28.84 -2.73 15.02
N PHE C 120 -29.66 -2.99 16.03
CA PHE C 120 -29.35 -2.59 17.39
C PHE C 120 -28.11 -3.32 17.90
N PHE C 121 -28.05 -4.62 17.66
CA PHE C 121 -26.92 -5.44 18.10
C PHE C 121 -25.63 -5.07 17.37
N MET C 122 -25.76 -4.77 16.08
CA MET C 122 -24.61 -4.37 15.29
C MET C 122 -24.07 -3.03 15.78
N PHE C 123 -24.98 -2.14 16.15
CA PHE C 123 -24.62 -0.80 16.63
C PHE C 123 -23.78 -0.88 17.90
N VAL C 124 -24.21 -1.74 18.82
CA VAL C 124 -23.49 -1.95 20.08
C VAL C 124 -22.16 -2.64 19.83
N ALA C 125 -22.16 -3.63 18.95
CA ALA C 125 -20.95 -4.40 18.65
C ALA C 125 -19.85 -3.52 18.06
N VAL C 126 -20.23 -2.62 17.15
CA VAL C 126 -19.27 -1.78 16.47
C VAL C 126 -18.69 -0.71 17.39
N TRP C 127 -19.56 -0.01 18.11
CA TRP C 127 -19.12 1.08 18.97
C TRP C 127 -18.34 0.58 20.19
N SER C 128 -18.73 -0.57 20.72
CA SER C 128 -17.98 -1.16 21.82
C SER C 128 -16.62 -1.63 21.34
N TRP C 129 -16.56 -2.03 20.06
CA TRP C 129 -15.29 -2.43 19.48
C TRP C 129 -14.41 -1.20 19.24
N TRP C 130 -15.04 -0.09 18.90
CA TRP C 130 -14.32 1.16 18.70
C TRP C 130 -13.66 1.61 20.00
N GLY C 131 -14.40 1.51 21.09
CA GLY C 131 -13.88 1.84 22.40
C GLY C 131 -12.73 0.91 22.76
N ARG C 132 -12.85 -0.34 22.32
CA ARG C 132 -11.80 -1.33 22.54
C ARG C 132 -10.51 -0.93 21.83
N THR C 133 -10.63 -0.52 20.56
CA THR C 133 -9.47 -0.07 19.80
C THR C 133 -8.84 1.16 20.45
N TYR C 134 -9.67 1.96 21.10
CA TYR C 134 -9.21 3.15 21.80
C TYR C 134 -8.46 2.77 23.07
N LEU C 135 -9.08 1.92 23.88
CA LEU C 135 -8.53 1.55 25.18
C LEU C 135 -7.26 0.71 25.07
N ARG C 136 -7.16 -0.10 24.02
CA ARG C 136 -5.97 -0.92 23.82
C ARG C 136 -4.77 -0.03 23.51
N ALA C 137 -5.02 1.04 22.77
CA ALA C 137 -3.98 2.02 22.45
C ALA C 137 -3.59 2.81 23.70
N GLN C 138 -4.60 3.20 24.48
CA GLN C 138 -4.38 3.98 25.69
C GLN C 138 -3.63 3.18 26.75
N ALA C 139 -3.95 1.89 26.85
CA ALA C 139 -3.35 1.02 27.85
C ALA C 139 -1.86 0.81 27.59
N LEU C 140 -1.48 0.89 26.32
CA LEU C 140 -0.08 0.74 25.92
C LEU C 140 0.60 2.10 25.82
N GLY C 141 -0.17 3.15 26.08
CA GLY C 141 0.35 4.51 26.07
C GLY C 141 0.65 5.01 24.67
N MET C 142 0.01 4.40 23.67
CA MET C 142 0.23 4.78 22.29
C MET C 142 -0.76 5.85 21.84
N GLY C 143 -0.52 6.42 20.66
CA GLY C 143 -1.41 7.42 20.10
C GLY C 143 -2.75 6.83 19.74
N LYS C 144 -3.74 7.69 19.53
CA LYS C 144 -5.08 7.23 19.26
C LYS C 144 -5.39 7.24 17.77
N HIS C 145 -4.35 7.19 16.94
CA HIS C 145 -4.50 7.28 15.50
C HIS C 145 -5.42 6.21 14.92
N THR C 146 -5.41 5.04 15.54
CA THR C 146 -6.21 3.91 15.06
C THR C 146 -7.71 4.15 15.24
N ALA C 147 -8.09 4.64 16.42
CA ALA C 147 -9.50 4.86 16.73
C ALA C 147 -10.10 5.96 15.86
N TRP C 148 -9.32 7.01 15.60
CA TRP C 148 -9.81 8.14 14.82
C TRP C 148 -9.96 7.75 13.35
N ALA C 149 -9.07 6.89 12.87
CA ALA C 149 -9.17 6.38 11.51
C ALA C 149 -10.35 5.42 11.40
N PHE C 150 -10.54 4.61 12.44
CA PHE C 150 -11.69 3.72 12.54
C PHE C 150 -12.98 4.53 12.57
N LEU C 151 -12.92 5.72 13.16
CA LEU C 151 -14.09 6.56 13.30
C LEU C 151 -14.59 7.05 11.94
N SER C 152 -13.68 7.19 11.00
CA SER C 152 -14.02 7.60 9.64
C SER C 152 -14.86 6.53 8.94
N ALA C 153 -14.52 5.27 9.18
CA ALA C 153 -15.27 4.16 8.60
C ALA C 153 -16.64 4.03 9.23
N ILE C 154 -16.69 4.22 10.55
CA ILE C 154 -17.96 4.20 11.29
C ILE C 154 -18.89 5.27 10.75
N TRP C 155 -18.33 6.44 10.48
CA TRP C 155 -19.08 7.58 9.94
C TRP C 155 -19.85 7.21 8.68
N LEU C 156 -19.18 6.53 7.76
CA LEU C 156 -19.80 6.07 6.52
C LEU C 156 -20.93 5.08 6.80
N TRP C 157 -20.66 4.15 7.69
CA TRP C 157 -21.63 3.12 8.06
C TRP C 157 -22.82 3.71 8.82
N MET C 158 -22.54 4.75 9.61
CA MET C 158 -23.59 5.43 10.37
C MET C 158 -24.52 6.19 9.44
N VAL C 159 -23.96 6.84 8.42
CA VAL C 159 -24.75 7.58 7.44
C VAL C 159 -25.67 6.65 6.67
N LEU C 160 -25.09 5.57 6.13
CA LEU C 160 -25.85 4.59 5.35
C LEU C 160 -26.98 3.95 6.14
N GLY C 161 -26.70 3.57 7.38
CA GLY C 161 -27.64 2.79 8.16
C GLY C 161 -28.51 3.55 9.16
N PHE C 162 -28.07 4.74 9.57
CA PHE C 162 -28.76 5.44 10.65
C PHE C 162 -29.01 6.92 10.38
N ILE C 163 -27.94 7.68 10.16
CA ILE C 163 -28.04 9.13 10.05
C ILE C 163 -28.94 9.59 8.90
N ARG C 164 -28.71 9.06 7.70
CA ARG C 164 -29.49 9.46 6.54
C ARG C 164 -30.96 8.98 6.57
N PRO C 165 -31.21 7.71 6.96
CA PRO C 165 -32.62 7.29 7.02
C PRO C 165 -33.46 8.14 7.97
N ILE C 166 -32.86 8.56 9.07
CA ILE C 166 -33.54 9.43 10.03
C ILE C 166 -33.88 10.77 9.39
N LEU C 167 -32.93 11.33 8.64
CA LEU C 167 -33.13 12.61 7.97
C LEU C 167 -34.17 12.49 6.86
N MET C 168 -34.29 11.31 6.29
CA MET C 168 -35.26 11.06 5.23
C MET C 168 -36.64 10.76 5.80
N GLY C 169 -36.68 10.43 7.08
CA GLY C 169 -37.92 10.20 7.77
C GLY C 169 -38.47 8.79 7.60
N SER C 170 -37.61 7.86 7.18
CA SER C 170 -38.03 6.48 6.98
C SER C 170 -36.87 5.51 7.15
N TRP C 171 -37.10 4.43 7.90
CA TRP C 171 -36.10 3.39 8.10
C TRP C 171 -35.89 2.57 6.83
N SER C 172 -36.84 2.65 5.90
CA SER C 172 -36.76 1.91 4.65
C SER C 172 -35.61 2.41 3.78
N GLU C 173 -35.10 3.59 4.09
CA GLU C 173 -33.98 4.17 3.35
C GLU C 173 -32.65 3.57 3.77
N ALA C 174 -32.67 2.76 4.82
CA ALA C 174 -31.46 2.13 5.32
C ALA C 174 -31.09 0.90 4.50
N VAL C 175 -29.94 0.31 4.79
CA VAL C 175 -29.43 -0.82 4.04
C VAL C 175 -29.89 -2.16 4.62
N PRO C 176 -30.34 -3.07 3.73
CA PRO C 176 -30.77 -4.41 4.13
C PRO C 176 -29.58 -5.34 4.40
N TYR C 177 -29.84 -6.45 5.08
CA TYR C 177 -28.79 -7.43 5.37
C TYR C 177 -28.91 -8.65 4.47
N GLY C 178 -28.11 -8.68 3.41
CA GLY C 178 -28.12 -9.80 2.48
C GLY C 178 -27.14 -9.60 1.34
N ILE C 179 -26.43 -10.67 0.97
CA ILE C 179 -25.33 -10.60 0.02
C ILE C 179 -25.70 -9.87 -1.27
N PHE C 180 -26.67 -10.41 -2.01
CA PHE C 180 -27.06 -9.84 -3.30
C PHE C 180 -27.95 -8.61 -3.16
N SER C 181 -28.77 -8.60 -2.11
CA SER C 181 -29.82 -7.60 -1.95
C SER C 181 -29.30 -6.17 -1.82
N HIS C 182 -28.23 -5.97 -1.06
CA HIS C 182 -27.72 -4.61 -0.88
C HIS C 182 -26.90 -4.17 -2.09
N LEU C 183 -26.46 -5.14 -2.89
CA LEU C 183 -25.83 -4.82 -4.17
C LEU C 183 -26.87 -4.19 -5.07
N ASP C 184 -28.06 -4.77 -5.07
CA ASP C 184 -29.20 -4.22 -5.80
C ASP C 184 -29.65 -2.90 -5.18
N TRP C 185 -29.58 -2.83 -3.86
CA TRP C 185 -29.90 -1.60 -3.14
C TRP C 185 -28.93 -0.50 -3.54
N THR C 186 -27.66 -0.87 -3.67
CA THR C 186 -26.61 0.07 -4.05
C THR C 186 -26.83 0.60 -5.46
N ASN C 187 -27.14 -0.30 -6.37
CA ASN C 187 -27.40 0.07 -7.76
C ASN C 187 -28.65 0.92 -7.89
N ASN C 188 -29.70 0.54 -7.18
CA ASN C 188 -30.97 1.26 -7.22
C ASN C 188 -30.83 2.67 -6.65
N PHE C 189 -30.01 2.79 -5.60
CA PHE C 189 -29.74 4.08 -4.96
C PHE C 189 -29.16 5.07 -5.96
N SER C 190 -28.21 4.62 -6.76
CA SER C 190 -27.58 5.46 -7.76
C SER C 190 -28.56 5.85 -8.85
N LEU C 191 -29.41 4.92 -9.23
CA LEU C 191 -30.42 5.16 -10.26
C LEU C 191 -31.44 6.18 -9.79
N VAL C 192 -31.91 6.01 -8.56
CA VAL C 192 -32.90 6.89 -7.96
C VAL C 192 -32.38 8.32 -7.86
N HIS C 193 -31.11 8.47 -7.52
CA HIS C 193 -30.53 9.79 -7.32
C HIS C 193 -29.86 10.35 -8.57
N GLY C 194 -30.37 9.96 -9.74
CA GLY C 194 -29.92 10.49 -11.01
C GLY C 194 -28.44 10.30 -11.34
N ASN C 195 -28.00 9.05 -11.35
CA ASN C 195 -26.61 8.67 -11.67
C ASN C 195 -25.56 9.27 -10.74
N LEU C 196 -25.10 8.51 -9.76
CA LEU C 196 -24.19 9.03 -8.71
C LEU C 196 -22.85 9.55 -9.24
N PHE C 197 -22.40 9.05 -10.39
CA PHE C 197 -21.12 9.44 -10.99
C PHE C 197 -20.87 10.96 -11.00
N TYR C 198 -21.95 11.74 -10.95
CA TYR C 198 -21.86 13.19 -11.00
C TYR C 198 -21.96 13.82 -9.60
N ASN C 199 -21.89 12.98 -8.59
CA ASN C 199 -21.69 13.43 -7.21
C ASN C 199 -20.20 13.66 -7.01
N PRO C 200 -19.83 14.92 -6.75
CA PRO C 200 -18.42 15.30 -6.62
C PRO C 200 -17.73 14.61 -5.44
N PHE C 201 -18.46 14.40 -4.34
CA PHE C 201 -17.90 13.69 -3.20
C PHE C 201 -17.69 12.22 -3.55
N HIS C 202 -18.53 11.72 -4.45
CA HIS C 202 -18.45 10.34 -4.90
C HIS C 202 -17.22 10.12 -5.75
N GLY C 203 -16.93 11.07 -6.64
CA GLY C 203 -15.75 11.01 -7.47
C GLY C 203 -14.48 11.18 -6.64
N LEU C 204 -14.58 12.00 -5.60
CA LEU C 204 -13.46 12.20 -4.68
C LEU C 204 -13.14 10.91 -3.94
N SER C 205 -14.16 10.27 -3.39
CA SER C 205 -14.01 9.01 -2.66
C SER C 205 -13.36 7.94 -3.54
N ILE C 206 -13.77 7.89 -4.80
CA ILE C 206 -13.18 6.97 -5.76
C ILE C 206 -11.71 7.32 -5.99
N ALA C 207 -11.42 8.62 -6.08
CA ALA C 207 -10.05 9.07 -6.29
C ALA C 207 -9.14 8.66 -5.14
N PHE C 208 -9.68 8.66 -3.92
CA PHE C 208 -8.91 8.26 -2.75
C PHE C 208 -8.86 6.74 -2.62
N LEU C 209 -9.91 6.07 -3.08
CA LEU C 209 -9.93 4.61 -3.10
C LEU C 209 -8.86 4.09 -4.05
N TYR C 210 -8.81 4.70 -5.23
CA TYR C 210 -7.77 4.42 -6.21
C TYR C 210 -6.41 4.82 -5.65
N GLY C 211 -6.35 6.02 -5.08
CA GLY C 211 -5.11 6.55 -4.51
C GLY C 211 -4.56 5.70 -3.38
N SER C 212 -5.45 5.00 -2.68
CA SER C 212 -5.03 4.12 -1.60
C SER C 212 -4.31 2.90 -2.16
N ALA C 213 -4.86 2.33 -3.23
CA ALA C 213 -4.22 1.22 -3.91
C ALA C 213 -2.94 1.68 -4.60
N LEU C 214 -2.93 2.96 -4.99
CA LEU C 214 -1.75 3.58 -5.59
C LEU C 214 -0.62 3.73 -4.58
N LEU C 215 -0.93 4.38 -3.46
CA LEU C 215 0.08 4.76 -2.48
C LEU C 215 0.74 3.55 -1.82
N PHE C 216 -0.06 2.56 -1.48
CA PHE C 216 0.43 1.40 -0.77
C PHE C 216 1.32 0.54 -1.67
N ALA C 217 0.89 0.35 -2.92
CA ALA C 217 1.70 -0.36 -3.93
C ALA C 217 3.06 0.30 -4.10
N MET C 218 3.07 1.62 -4.10
CA MET C 218 4.32 2.38 -4.14
C MET C 218 5.12 2.19 -2.85
N HIS C 219 4.45 2.36 -1.71
CA HIS C 219 5.11 2.26 -0.41
C HIS C 219 5.55 0.83 -0.10
N GLY C 220 4.67 -0.13 -0.34
CA GLY C 220 4.98 -1.53 -0.11
C GLY C 220 6.16 -2.00 -0.94
N ALA C 221 6.15 -1.66 -2.22
CA ALA C 221 7.25 -2.00 -3.12
C ALA C 221 8.52 -1.29 -2.69
N THR C 222 8.38 -0.06 -2.22
CA THR C 222 9.53 0.73 -1.81
C THR C 222 10.23 0.08 -0.61
N ILE C 223 9.45 -0.29 0.40
CA ILE C 223 10.00 -0.93 1.59
C ILE C 223 10.66 -2.27 1.26
N LEU C 224 9.99 -3.09 0.46
CA LEU C 224 10.55 -4.37 0.05
C LEU C 224 11.83 -4.19 -0.74
N ALA C 225 11.87 -3.19 -1.61
CA ALA C 225 13.06 -2.92 -2.41
C ALA C 225 14.21 -2.40 -1.54
N VAL C 226 13.87 -1.90 -0.36
CA VAL C 226 14.84 -1.30 0.54
C VAL C 226 15.04 -2.24 1.75
N SER C 227 14.34 -3.35 1.75
CA SER C 227 14.48 -4.37 2.79
C SER C 227 15.92 -4.86 2.94
N ARG C 228 16.72 -4.70 1.88
CA ARG C 228 18.11 -5.13 1.90
C ARG C 228 18.98 -4.23 2.77
N PHE C 229 18.39 -3.14 3.25
CA PHE C 229 19.07 -2.24 4.19
C PHE C 229 18.34 -2.21 5.53
N GLY C 230 17.40 -3.13 5.70
CA GLY C 230 16.59 -3.18 6.90
C GLY C 230 15.63 -2.01 6.96
N GLY C 231 15.07 -1.65 5.81
CA GLY C 231 14.22 -0.49 5.70
C GLY C 231 12.83 -0.66 6.29
N GLU C 232 12.42 -1.90 6.53
CA GLU C 232 11.09 -2.19 7.06
C GLU C 232 11.01 -1.83 8.54
N ARG C 233 12.16 -1.70 9.19
CA ARG C 233 12.22 -1.25 10.57
C ARG C 233 12.02 0.26 10.62
N GLU C 234 10.79 0.68 10.32
CA GLU C 234 10.48 2.09 10.09
C GLU C 234 10.64 2.96 11.34
N LEU C 235 10.26 2.43 12.50
CA LEU C 235 10.30 3.21 13.74
C LEU C 235 11.71 3.66 14.12
N GLU C 236 12.69 2.79 13.91
CA GLU C 236 14.08 3.15 14.20
C GLU C 236 14.65 4.04 13.10
N GLN C 237 14.08 3.94 11.91
CA GLN C 237 14.44 4.83 10.82
C GLN C 237 13.93 6.24 11.11
N ILE C 238 12.84 6.32 11.87
CA ILE C 238 12.32 7.61 12.33
C ILE C 238 13.30 8.27 13.28
N ALA C 239 13.69 7.53 14.31
CA ALA C 239 14.56 8.02 15.35
C ALA C 239 15.99 8.24 14.85
N ASP C 240 16.33 7.54 13.77
CA ASP C 240 17.68 7.61 13.24
C ASP C 240 17.68 7.23 11.76
N ARG C 241 17.63 8.24 10.90
CA ARG C 241 17.52 8.04 9.46
C ARG C 241 18.69 7.23 8.92
N GLY C 242 18.37 6.11 8.26
CA GLY C 242 19.38 5.22 7.72
C GLY C 242 19.56 5.39 6.23
N THR C 243 20.51 4.65 5.65
CA THR C 243 20.73 4.67 4.22
C THR C 243 19.52 4.05 3.52
N ALA C 244 18.74 3.31 4.30
CA ALA C 244 17.49 2.73 3.83
C ALA C 244 16.50 3.83 3.47
N ALA C 245 16.28 4.75 4.39
CA ALA C 245 15.34 5.84 4.20
C ALA C 245 15.80 6.81 3.11
N GLU C 246 17.12 6.98 2.99
CA GLU C 246 17.66 7.94 2.05
C GLU C 246 17.52 7.49 0.60
N ARG C 247 17.86 6.23 0.33
CA ARG C 247 17.74 5.69 -1.02
C ARG C 247 16.28 5.61 -1.44
N ALA C 248 15.41 5.35 -0.48
CA ALA C 248 13.98 5.28 -0.73
C ALA C 248 13.43 6.65 -1.12
N ALA C 249 13.91 7.68 -0.42
CA ALA C 249 13.48 9.05 -0.69
C ALA C 249 14.02 9.56 -2.02
N LEU C 250 15.26 9.20 -2.33
CA LEU C 250 15.91 9.67 -3.54
C LEU C 250 15.29 9.06 -4.78
N PHE C 251 14.84 7.81 -4.65
CA PHE C 251 14.20 7.11 -5.77
C PHE C 251 13.01 7.90 -6.29
N TRP C 252 12.20 8.39 -5.36
CA TRP C 252 11.00 9.15 -5.71
C TRP C 252 11.35 10.60 -6.02
N ARG C 253 12.35 11.14 -5.33
CA ARG C 253 12.83 12.47 -5.63
C ARG C 253 13.31 12.57 -7.08
N TRP C 254 13.99 11.52 -7.53
CA TRP C 254 14.50 11.48 -8.90
C TRP C 254 13.40 11.09 -9.88
N THR C 255 12.36 10.43 -9.39
CA THR C 255 11.29 9.94 -10.26
C THR C 255 10.27 11.03 -10.53
N MET C 256 9.78 11.68 -9.48
CA MET C 256 8.65 12.60 -9.61
C MET C 256 8.97 14.02 -9.18
N GLY C 257 10.22 14.26 -8.81
CA GLY C 257 10.67 15.60 -8.49
C GLY C 257 10.54 15.99 -7.03
N PHE C 258 9.89 15.15 -6.24
CA PHE C 258 9.76 15.42 -4.81
C PHE C 258 9.63 14.11 -4.04
N ASN C 259 9.78 14.19 -2.72
CA ASN C 259 9.79 12.99 -1.91
C ASN C 259 9.15 13.16 -0.54
N ALA C 260 9.20 12.11 0.26
CA ALA C 260 8.61 12.10 1.59
C ALA C 260 9.66 11.68 2.61
N THR C 261 9.28 11.70 3.89
CA THR C 261 10.12 11.16 4.93
C THR C 261 9.52 9.86 5.43
N MET C 262 10.26 9.14 6.26
CA MET C 262 9.81 7.83 6.73
C MET C 262 8.57 7.95 7.61
N GLU C 263 8.41 9.10 8.27
CA GLU C 263 7.23 9.35 9.09
C GLU C 263 6.10 9.94 8.27
N GLY C 264 6.43 10.94 7.45
CA GLY C 264 5.44 11.67 6.68
C GLY C 264 4.66 10.82 5.71
N ILE C 265 5.27 9.74 5.22
CA ILE C 265 4.61 8.85 4.28
C ILE C 265 3.42 8.15 4.96
N HIS C 266 3.56 7.88 6.25
CA HIS C 266 2.50 7.24 7.00
C HIS C 266 1.37 8.22 7.30
N ARG C 267 1.69 9.51 7.28
CA ARG C 267 0.67 10.55 7.39
C ARG C 267 -0.07 10.68 6.07
N TRP C 268 0.67 10.56 4.97
CA TRP C 268 0.06 10.47 3.65
C TRP C 268 -0.86 9.26 3.59
N ALA C 269 -0.37 8.15 4.14
CA ALA C 269 -1.09 6.89 4.10
C ALA C 269 -2.41 6.94 4.86
N ILE C 270 -2.36 7.43 6.10
CA ILE C 270 -3.53 7.41 6.96
C ILE C 270 -4.60 8.38 6.46
N TRP C 271 -4.20 9.48 5.84
CA TRP C 271 -5.18 10.44 5.33
C TRP C 271 -5.78 9.97 4.01
N MET C 272 -4.95 9.33 3.18
CA MET C 272 -5.42 8.81 1.90
C MET C 272 -6.53 7.80 2.10
N ALA C 273 -6.37 6.93 3.08
CA ALA C 273 -7.35 5.89 3.36
C ALA C 273 -8.58 6.45 4.04
N VAL C 274 -8.36 7.32 5.03
CA VAL C 274 -9.47 7.91 5.80
C VAL C 274 -10.40 8.74 4.91
N LEU C 275 -9.81 9.47 3.96
CA LEU C 275 -10.58 10.33 3.07
C LEU C 275 -11.56 9.56 2.20
N VAL C 276 -11.35 8.25 2.05
CA VAL C 276 -12.25 7.40 1.28
C VAL C 276 -13.64 7.38 1.92
N THR C 277 -13.69 6.94 3.17
CA THR C 277 -14.95 6.85 3.89
C THR C 277 -15.43 8.22 4.38
N LEU C 278 -14.49 9.15 4.53
CA LEU C 278 -14.82 10.48 5.03
C LEU C 278 -15.64 11.26 4.00
N THR C 279 -15.14 11.30 2.77
CA THR C 279 -15.84 12.00 1.69
C THR C 279 -17.11 11.28 1.29
N GLY C 280 -17.03 9.96 1.27
CA GLY C 280 -18.15 9.13 0.87
C GLY C 280 -19.38 9.34 1.73
N GLY C 281 -19.17 9.47 3.04
CA GLY C 281 -20.26 9.69 3.97
C GLY C 281 -20.98 10.99 3.69
N ILE C 282 -20.20 12.02 3.34
CA ILE C 282 -20.76 13.32 3.01
C ILE C 282 -21.62 13.24 1.75
N GLY C 283 -21.11 12.55 0.74
CA GLY C 283 -21.81 12.43 -0.53
C GLY C 283 -23.15 11.72 -0.43
N ILE C 284 -23.20 10.70 0.42
CA ILE C 284 -24.44 9.96 0.65
C ILE C 284 -25.42 10.78 1.48
N LEU C 285 -24.86 11.52 2.44
CA LEU C 285 -25.67 12.35 3.33
C LEU C 285 -26.44 13.42 2.56
N LEU C 286 -25.82 13.97 1.52
CA LEU C 286 -26.45 15.02 0.73
C LEU C 286 -27.43 14.48 -0.31
N SER C 287 -27.33 13.18 -0.59
CA SER C 287 -28.16 12.57 -1.61
C SER C 287 -29.56 12.24 -1.08
N GLY C 288 -30.59 12.81 -1.73
CA GLY C 288 -31.96 12.57 -1.33
C GLY C 288 -32.46 13.58 -0.32
N THR C 289 -31.53 14.11 0.48
CA THR C 289 -31.87 15.10 1.49
C THR C 289 -31.74 16.52 0.93
N VAL C 290 -30.67 16.74 0.17
CA VAL C 290 -30.42 18.05 -0.43
C VAL C 290 -30.55 17.99 -1.95
N VAL C 291 -30.07 16.91 -2.55
CA VAL C 291 -30.10 16.73 -3.99
C VAL C 291 -30.88 15.50 -4.40
N ASP C 292 -31.84 15.67 -5.32
CA ASP C 292 -32.61 14.55 -5.83
C ASP C 292 -31.97 13.92 -7.07
N ASN C 293 -31.35 14.77 -7.90
CA ASN C 293 -30.73 14.31 -9.14
C ASN C 293 -29.39 15.00 -9.36
N TRP C 294 -28.31 14.22 -9.28
CA TRP C 294 -26.97 14.78 -9.34
C TRP C 294 -26.56 15.25 -10.74
N TYR C 295 -27.00 14.55 -11.76
CA TYR C 295 -26.67 14.94 -13.13
C TYR C 295 -27.30 16.29 -13.45
N VAL C 296 -28.59 16.42 -13.16
CA VAL C 296 -29.31 17.68 -13.38
C VAL C 296 -28.70 18.78 -12.52
N TRP C 297 -28.42 18.45 -11.26
CA TRP C 297 -27.76 19.38 -10.35
C TRP C 297 -26.40 19.78 -10.87
N GLY C 298 -25.73 18.85 -11.54
CA GLY C 298 -24.39 19.09 -12.03
C GLY C 298 -24.33 20.02 -13.24
N GLN C 299 -25.33 19.91 -14.11
CA GLN C 299 -25.34 20.68 -15.36
C GLN C 299 -25.55 22.17 -15.11
N ASN C 300 -26.01 22.50 -13.90
CA ASN C 300 -26.15 23.89 -13.49
C ASN C 300 -25.02 24.28 -12.55
N HIS C 301 -24.27 23.27 -12.10
CA HIS C 301 -23.11 23.43 -11.22
C HIS C 301 -23.40 24.25 -9.97
N GLY C 302 -24.67 24.28 -9.55
CA GLY C 302 -25.07 25.03 -8.39
C GLY C 302 -26.23 24.37 -7.71
O1D BPH D . 5.39 7.34 -10.23
CGD BPH D . 4.43 6.59 -10.18
O2D BPH D . 3.40 6.76 -9.37
CED BPH D . 3.25 7.90 -8.49
CBD BPH D . 4.24 5.40 -10.98
CHA BPH D . 2.74 5.25 -11.32
C4D BPH D . 2.35 4.17 -10.51
C3D BPH D . 3.38 3.45 -9.88
CAD BPH D . 4.58 4.15 -10.13
OBD BPH D . 5.75 3.90 -9.79
C2D BPH D . 2.77 2.44 -9.12
CMD BPH D . 3.40 1.40 -8.25
C1D BPH D . 1.38 2.61 -9.34
ND BPH D . 1.12 3.68 -10.19
CHD BPH D . 0.29 1.86 -8.79
C4C BPH D . -1.04 1.88 -9.20
C3C BPH D . -2.02 0.76 -8.95
CAC BPH D . -1.59 -0.58 -9.59
CBC BPH D . -0.74 -1.43 -8.68
C2C BPH D . -3.34 1.32 -9.53
CMC BPH D . -4.46 1.39 -8.51
C1C BPH D . -2.93 2.64 -10.06
NC BPH D . -1.64 2.96 -9.79
CHC BPH D . -3.82 3.54 -10.67
C4B BPH D . -3.61 4.84 -11.19
C3B BPH D . -4.58 5.76 -11.78
CAB BPH D . -6.01 5.56 -12.02
CBB BPH D . -6.84 4.64 -11.16
OBB BPH D . -6.61 6.14 -12.94
C2B BPH D . -3.84 6.91 -12.11
CMB BPH D . -4.33 8.22 -12.70
C1B BPH D . -2.50 6.66 -11.78
NB BPH D . -2.37 5.40 -11.21
CHB BPH D . -1.42 7.54 -11.96
C4A BPH D . -0.06 7.30 -12.05
C3A BPH D . 0.95 8.34 -12.36
CMA BPH D . 1.01 9.40 -11.26
C2A BPH D . 2.26 7.53 -12.48
C1A BPH D . 1.90 6.23 -11.80
NA BPH D . 0.54 6.17 -11.50
CAA BPH D . 2.70 7.30 -13.93
CBA BPH D . 3.14 8.60 -14.60
CGA BPH D . 3.43 8.45 -16.05
O1A BPH D . 3.00 7.59 -16.74
O2A BPH D . 4.23 9.37 -16.51
C1 BPH D . 4.55 9.31 -17.93
C2 BPH D . 3.37 9.97 -18.63
C3 BPH D . 3.16 11.27 -18.63
C4 BPH D . 4.06 12.31 -17.96
C5 BPH D . 1.96 11.86 -19.36
C6 BPH D . 1.47 11.10 -20.58
C7 BPH D . 0.26 11.76 -21.22
C8 BPH D . -0.24 11.05 -22.47
C9 BPH D . 0.88 11.00 -23.54
C10 BPH D . -1.48 11.78 -23.03
C11 BPH D . -2.69 11.67 -22.12
C12 BPH D . -3.20 10.23 -22.02
C13 BPH D . -4.43 10.03 -21.11
C14 BPH D . -4.94 8.60 -21.17
C15 BPH D . -5.55 10.95 -21.59
C16 BPH D . -6.94 10.85 -20.93
C17 BPH D . -7.19 11.29 -19.48
C18 BPH D . -8.64 11.11 -19.04
C19 BPH D . -8.80 11.94 -17.76
C20 BPH D . -9.06 9.66 -18.81
MG BCL E . -10.52 7.44 -14.47
CHA BCL E . -11.79 9.34 -11.88
CHB BCL E . -7.85 9.54 -14.59
CHC BCL E . -8.91 5.21 -16.45
CHD BCL E . -12.91 4.99 -13.78
NA BCL E . -9.91 9.18 -13.34
C1A BCL E . -10.63 9.87 -12.36
C2A BCL E . -9.84 11.02 -11.83
C3A BCL E . -8.78 11.24 -12.92
C4A BCL E . -8.79 9.93 -13.66
CMA BCL E . -9.14 12.40 -13.84
CAA BCL E . -9.24 10.74 -10.44
CBA BCL E . -8.38 9.47 -10.37
CGA BCL E . -7.40 9.44 -9.25
O1A BCL E . -7.18 10.33 -8.53
O2A BCL E . -6.77 8.27 -9.17
NB BCL E . -8.66 7.36 -15.37
C1B BCL E . -7.68 8.34 -15.30
C2B BCL E . -6.55 7.94 -16.04
C3B BCL E . -6.81 6.67 -16.57
C4B BCL E . -8.16 6.36 -16.16
CMB BCL E . -5.30 8.81 -16.17
CAB BCL E . -6.00 5.77 -17.38
OBB BCL E . -6.04 4.53 -17.24
CBB BCL E . -5.04 6.27 -18.44
NC BCL E . -10.84 5.39 -14.99
C1C BCL E . -10.11 4.72 -15.94
C2C BCL E . -10.83 3.54 -16.47
C3C BCL E . -11.90 3.30 -15.41
C4C BCL E . -11.95 4.63 -14.71
CMC BCL E . -11.40 3.79 -17.86
CAC BCL E . -11.58 2.12 -14.46
CBC BCL E . -10.32 2.33 -13.64
ND BCL E . -11.97 7.13 -13.09
C1D BCL E . -13.00 6.18 -13.01
C2D BCL E . -14.03 6.60 -12.13
C3D BCL E . -13.62 7.83 -11.64
C4D BCL E . -12.39 8.12 -12.24
CMD BCL E . -15.30 5.82 -11.83
CAD BCL E . -14.00 8.99 -10.91
OBD BCL E . -15.06 9.24 -10.28
CBD BCL E . -12.86 10.02 -11.00
CGD BCL E . -13.38 11.31 -11.48
O1D BCL E . -13.64 11.58 -12.64
O2D BCL E . -13.54 12.20 -10.52
CED BCL E . -14.07 13.51 -10.90
C1 BCL E . -5.77 8.10 -8.12
C2 BCL E . -4.52 8.77 -8.66
C3 BCL E . -3.87 9.72 -8.04
C4 BCL E . -4.25 10.29 -6.67
C5 BCL E . -2.62 10.36 -8.65
C6 BCL E . -2.87 11.67 -9.41
C7 BCL E . -3.79 11.48 -10.61
C8 BCL E . -4.29 12.74 -11.31
C9 BCL E . -5.28 13.50 -10.40
C10 BCL E . -4.97 12.35 -12.63
C11 BCL E . -5.33 13.48 -13.58
C12 BCL E . -5.49 12.95 -15.01
C13 BCL E . -5.36 14.03 -16.09
C14 BCL E . -6.66 14.78 -16.35
C15 BCL E . -4.96 13.25 -17.36
C16 BCL E . -3.80 13.78 -18.21
C17 BCL E . -4.02 15.09 -18.97
C18 BCL E . -2.75 15.58 -19.66
C19 BCL E . -1.82 15.96 -18.48
C20 BCL E . -2.94 16.78 -20.58
MG BCL F . -16.91 -1.17 -11.37
CHA BCL F . -14.03 -1.32 -13.28
CHB BCL F . -14.95 -0.89 -8.59
CHC BCL F . -19.68 -0.53 -9.55
CHD BCL F . -18.77 -0.64 -14.28
NA BCL F . -14.77 -1.05 -11.03
C1A BCL F . -13.75 -1.30 -11.93
C2A BCL F . -12.43 -1.37 -11.24
C3A BCL F . -12.84 -1.69 -9.81
C4A BCL F . -14.22 -1.11 -9.75
CMA BCL F . -12.86 -3.19 -9.55
CAA BCL F . -11.68 -0.03 -11.32
CBA BCL F . -10.22 -0.09 -10.85
CGA BCL F . -9.33 -0.49 -11.98
O1A BCL F . -9.57 -1.32 -12.78
O2A BCL F . -8.23 0.20 -12.03
NB BCL F . -17.27 -0.70 -9.39
C1B BCL F . -16.33 -0.75 -8.37
C2B BCL F . -16.95 -0.66 -7.12
C3B BCL F . -18.35 -0.54 -7.34
C4B BCL F . -18.49 -0.59 -8.79
CMB BCL F . -16.18 -0.68 -5.80
CAB BCL F . -19.48 -0.39 -6.43
OBB BCL F . -20.63 -0.78 -6.74
CBB BCL F . -19.36 0.26 -5.07
NC BCL F . -18.91 -0.61 -11.86
C1C BCL F . -19.92 -0.52 -10.93
C2C BCL F . -21.27 -0.43 -11.54
C3C BCL F . -20.95 -0.23 -13.03
C4C BCL F . -19.48 -0.57 -13.11
CMC BCL F . -22.12 -1.67 -11.26
CAC BCL F . -21.28 1.19 -13.56
CBC BCL F . -22.77 1.51 -13.53
ND BCL F . -16.53 -0.93 -13.35
C1D BCL F . -17.37 -0.88 -14.46
C2D BCL F . -16.65 -1.06 -15.67
C3D BCL F . -15.32 -1.25 -15.28
C4D BCL F . -15.29 -1.16 -13.89
CMD BCL F . -17.25 -1.07 -17.05
CAD BCL F . -13.97 -1.19 -15.72
OBD BCL F . -13.48 -1.14 -16.87
CBD BCL F . -13.05 -1.19 -14.46
CGD BCL F . -12.03 -2.24 -14.58
O1D BCL F . -12.08 -3.35 -14.06
O2D BCL F . -11.01 -1.89 -15.36
CED BCL F . -9.95 -2.87 -15.57
C1 BCL F . -7.33 -0.14 -13.12
C2 BCL F . -6.26 0.93 -13.09
C3 BCL F . -5.94 1.71 -14.08
C4 BCL F . -6.59 1.71 -15.46
C5 BCL F . -4.84 2.76 -13.89
C6 BCL F . -4.03 3.18 -15.10
C7 BCL F . -3.07 4.30 -14.70
C8 BCL F . -2.28 5.02 -15.78
C9 BCL F . -1.02 4.21 -16.15
C10 BCL F . -1.88 6.40 -15.26
C11 BCL F . -1.03 7.19 -16.22
C12 BCL F . -0.56 8.55 -15.69
C13 BCL F . -1.58 9.69 -15.78
C14 BCL F . -1.97 10.05 -17.21
C15 BCL F . -0.83 10.87 -15.15
C16 BCL F . -1.37 12.29 -15.22
C17 BCL F . -0.44 13.24 -14.46
C18 BCL F . -0.75 14.72 -14.62
C19 BCL F . 0.25 15.42 -13.68
C20 BCL F . -2.18 15.12 -14.26
MG BCL G . -20.72 -4.36 0.82
CHA BCL G . -18.72 -6.45 -1.10
CHB BCL G . -19.87 -6.20 3.55
CHC BCL G . -21.71 -1.79 2.81
CHD BCL G . -21.13 -2.29 -1.96
NA BCL G . -19.43 -6.08 1.14
C1A BCL G . -18.72 -6.83 0.21
C2A BCL G . -18.00 -7.97 0.86
C3A BCL G . -18.65 -8.04 2.25
C4A BCL G . -19.30 -6.69 2.39
CMA BCL G . -19.69 -9.15 2.33
CAA BCL G . -16.47 -7.78 0.94
CBA BCL G . -16.02 -6.56 1.76
CGA BCL G . -14.56 -6.52 2.05
O1A BCL G . -13.71 -6.85 1.31
O2A BCL G . -14.30 -6.08 3.27
NB BCL G . -20.73 -4.01 2.85
C1B BCL G . -20.43 -4.94 3.84
C2B BCL G . -20.80 -4.46 5.11
C3B BCL G . -21.33 -3.17 4.93
C4B BCL G . -21.28 -2.93 3.50
CMB BCL G . -20.62 -5.25 6.40
CAB BCL G . -21.83 -2.22 5.91
OBB BCL G . -22.95 -1.70 5.81
CBB BCL G . -20.99 -1.82 7.10
NC BCL G . -21.30 -2.34 0.48
C1C BCL G . -21.75 -1.47 1.45
C2C BCL G . -22.48 -0.31 0.89
C3C BCL G . -22.14 -0.38 -0.60
C4C BCL G . -21.48 -1.72 -0.74
CMC BCL G . -23.97 -0.35 1.19
CAC BCL G . -21.24 0.78 -1.09
CBC BCL G . -19.88 0.76 -0.43
ND BCL G . -20.03 -4.29 -1.10
C1D BCL G . -20.38 -3.48 -2.18
C2D BCL G . -19.90 -4.01 -3.41
C3D BCL G . -19.23 -5.19 -3.05
C4D BCL G . -19.33 -5.32 -1.67
CMD BCL G . -20.11 -3.40 -4.76
CAD BCL G . -18.66 -6.39 -3.55
OBD BCL G . -18.46 -6.78 -4.71
CBD BCL G . -18.27 -7.27 -2.32
CGD BCL G . -18.87 -8.61 -2.45
O1D BCL G . -18.26 -9.66 -2.41
O2D BCL G . -20.18 -8.59 -2.62
CED BCL G . -20.86 -9.86 -2.75
C1 BCL G . -12.88 -6.01 3.66
C2 BCL G . -12.51 -7.39 4.17
C3 BCL G . -12.52 -7.73 5.43
C4 BCL G . -12.89 -6.82 6.59
C5 BCL G . -12.13 -9.15 5.86
FE FE H . 5.38 1.54 6.35
C1 U10 I . 8.10 8.64 -0.88
C2 U10 I . 9.14 8.56 0.02
C3 U10 I . 9.30 7.46 0.87
C4 U10 I . 8.36 6.43 0.80
C5 U10 I . 7.30 6.52 -0.11
C6 U10 I . 7.16 7.61 -0.95
C1M U10 I . 7.99 9.84 -1.77
C3M U10 I . 11.05 7.84 2.33
C4M U10 I . 8.80 4.96 2.53
C7 U10 I . 6.01 7.69 -1.93
C8 U10 I . 4.89 8.58 -1.42
C9 U10 I . 4.52 9.80 -2.16
C10 U10 I . 4.94 9.92 -3.60
C11 U10 I . 3.76 10.92 -1.48
C12 U10 I . 2.26 10.87 -1.79
C13 U10 I . 1.99 11.38 -3.19
C14 U10 I . 1.08 10.64 -4.07
C15 U10 I . -0.22 10.12 -3.55
C16 U10 I . 1.46 10.39 -5.52
C17 U10 I . 0.77 11.38 -6.44
C18 U10 I . 1.83 12.01 -7.32
C19 U10 I . 1.55 13.16 -8.17
C20 U10 I . 0.14 13.64 -8.38
C21 U10 I . 2.69 13.86 -8.86
C22 U10 I . 2.75 13.47 -10.34
C23 U10 I . 4.19 13.37 -10.75
C24 U10 I . 4.69 14.20 -11.85
C25 U10 I . 3.92 15.41 -12.27
C26 U10 I . 5.97 13.84 -12.56
C27 U10 I . 6.49 15.05 -13.32
C28 U10 I . 6.93 14.64 -14.69
C29 U10 I . 7.41 15.64 -15.67
C30 U10 I . 7.08 17.09 -15.48
C31 U10 I . 8.24 15.19 -16.84
C32 U10 I . 9.41 14.39 -16.28
C33 U10 I . 10.72 15.05 -16.65
C34 U10 I . 11.83 14.27 -17.18
C35 U10 I . 11.73 12.78 -17.31
C36 U10 I . 13.10 14.99 -17.60
C37 U10 I . 12.70 16.22 -18.40
C38 U10 I . 12.88 15.94 -19.87
C39 U10 I . 13.95 16.63 -20.61
C40 U10 I . 14.43 16.08 -21.92
C41 U10 I . 14.55 17.89 -20.02
C42 U10 I . 15.16 18.77 -21.11
C43 U10 I . 16.66 18.62 -21.12
C44 U10 I . 17.49 19.56 -21.88
C45 U10 I . 17.05 20.98 -22.03
C46 U10 I . 18.78 19.09 -22.50
C47 U10 I . 19.81 18.75 -21.43
C48 U10 I . 20.56 20.00 -21.04
C49 U10 I . 22.02 19.95 -20.88
C50 U10 I . 22.77 18.74 -21.35
C51 U10 I . 22.77 21.11 -20.26
C52 U10 I . 23.97 21.45 -21.13
C53 U10 I . 25.07 22.05 -20.30
C54 U10 I . 25.11 23.48 -19.96
C55 U10 I . 26.12 23.99 -18.99
C56 U10 I . 24.14 24.43 -20.60
O2 U10 I . 9.97 9.49 0.03
O3 U10 I . 10.44 7.17 1.24
O4 U10 I . 8.69 5.30 1.16
O5 U10 I . 6.65 5.50 -0.36
MG BCL J . -19.56 3.54 -5.94
CHA BCL J . -19.75 3.84 -2.52
CHB BCL J . -16.21 2.99 -5.62
CHC BCL J . -19.44 2.76 -9.22
CHD BCL J . -23.04 3.23 -6.06
NA BCL J . -18.19 3.39 -4.25
C1A BCL J . -18.45 3.68 -2.92
C2A BCL J . -17.19 3.91 -2.13
C3A BCL J . -16.09 3.73 -3.18
C4A BCL J . -16.82 3.28 -4.41
CMA BCL J . -15.33 5.03 -3.44
CAA BCL J . -17.06 2.94 -0.95
CBA BCL J . -15.90 3.17 0.04
CGA BCL J . -15.67 1.97 0.88
O1A BCL J . -14.62 1.58 1.25
O2A BCL J . -16.80 1.34 1.17
NB BCL J . -18.07 2.91 -7.22
C1B BCL J . -16.71 2.86 -6.93
C2B BCL J . -15.97 2.68 -8.09
C3B BCL J . -16.87 2.59 -9.18
C4B BCL J . -18.19 2.75 -8.58
CMB BCL J . -14.44 2.61 -8.08
CAB BCL J . -16.70 2.38 -10.63
OBB BCL J . -17.65 2.30 -11.41
CBB BCL J . -15.35 2.22 -11.27
NC BCL J . -21.03 3.01 -7.40
C1C BCL J . -20.75 2.86 -8.72
C2C BCL J . -21.95 3.09 -9.57
C3C BCL J . -23.08 2.81 -8.59
C4C BCL J . -22.40 3.06 -7.26
CMC BCL J . -22.00 4.48 -10.16
CAC BCL J . -23.71 1.40 -8.71
CBC BCL J . -24.33 1.14 -10.06
ND BCL J . -21.09 3.43 -4.61
C1D BCL J . -22.48 3.50 -4.78
C2D BCL J . -23.13 3.85 -3.57
C3D BCL J . -22.12 4.00 -2.64
C4D BCL J . -20.91 3.74 -3.29
CMD BCL J . -24.63 4.02 -3.40
CAD BCL J . -21.79 4.12 -1.27
OBD BCL J . -22.50 4.02 -0.24
CBD BCL J . -20.27 4.42 -1.19
CGD BCL J . -20.03 5.86 -1.02
O1D BCL J . -19.39 6.36 -0.12
O2D BCL J . -20.59 6.60 -1.97
CED BCL J . -20.41 8.04 -1.89
C1 BCL J . -16.71 0.11 1.98
C2 BCL J . -16.60 0.53 3.43
C3 BCL J . -17.62 0.68 4.23
C4 BCL J . -19.08 0.47 3.84
C5 BCL J . -17.43 1.10 5.69
C6 BCL J . -17.89 0.07 6.72
C7 BCL J . -17.58 0.48 8.15
C8 BCL J . -18.22 -0.44 9.20
C9 BCL J . -17.80 0.00 10.63
C10 BCL J . -17.80 -1.89 8.98
C11 BCL J . -18.54 -2.86 9.88
C12 BCL J . -18.14 -4.31 9.63
C13 BCL J . -18.93 -5.34 10.46
C14 BCL J . -18.82 -5.10 11.95
C15 BCL J . -18.35 -6.71 10.13
C16 BCL J . -18.43 -7.07 8.64
C17 BCL J . -17.74 -8.36 8.20
C18 BCL J . -17.84 -8.63 6.70
C19 BCL J . -19.35 -8.76 6.42
C20 BCL J . -17.10 -9.90 6.23
O1D BPH K . -10.39 -3.54 14.44
CGD BPH K . -10.33 -2.98 13.36
O2D BPH K . -9.55 -3.43 12.40
CED BPH K . -8.76 -4.62 12.68
CBD BPH K . -11.08 -1.77 12.98
CHA BPH K . -11.90 -1.86 11.68
C4D BPH K . -11.45 -0.77 10.94
C3D BPH K . -10.35 -0.07 11.44
CAD BPH K . -10.11 -0.58 12.75
OBD BPH K . -9.31 -0.22 13.62
C2D BPH K . -10.07 0.96 10.54
CMD BPH K . -8.98 2.00 10.59
C1D BPH K . -11.06 0.84 9.53
ND BPH K . -11.92 -0.23 9.78
CHD BPH K . -11.25 1.64 8.36
C4C BPH K . -11.85 1.27 7.17
C3C BPH K . -11.52 1.86 5.81
CAC BPH K . -11.49 3.41 5.75
CBC BPH K . -10.16 4.01 6.16
C2C BPH K . -12.60 1.25 4.92
CMC BPH K . -12.09 0.80 3.56
C1C BPH K . -13.13 0.15 5.75
NC BPH K . -12.76 0.25 7.06
CHC BPH K . -14.06 -0.81 5.30
C4B BPH K . -14.50 -2.01 5.88
C3B BPH K . -15.37 -3.01 5.29
CAB BPH K . -15.94 -2.91 3.97
CBB BPH K . -17.42 -3.07 3.73
OBB BPH K . -15.24 -2.68 2.97
C2B BPH K . -15.51 -4.00 6.26
CMB BPH K . -16.29 -5.30 6.20
C1B BPH K . -14.76 -3.60 7.39
NB BPH K . -14.14 -2.38 7.15
CHB BPH K . -14.62 -4.32 8.60
C4A BPH K . -13.97 -4.01 9.77
C3A BPH K . -13.80 -4.95 10.93
CMA BPH K . -12.84 -6.08 10.57
C2A BPH K . -13.24 -4.04 12.03
C1A BPH K . -12.71 -2.88 11.25
NA BPH K . -13.21 -2.87 9.96
CAA BPH K . -14.31 -3.64 13.06
CBA BPH K . -14.63 -4.78 14.04
CGA BPH K . -16.03 -4.81 14.54
O1A BPH K . -16.87 -4.00 14.30
O2A BPH K . -16.25 -5.84 15.31
C1 BPH K . -17.59 -6.10 15.84
C2 BPH K . -18.05 -7.17 14.89
C3 BPH K . -18.08 -8.45 15.10
C4 BPH K . -17.65 -9.16 16.39
C5 BPH K . -18.57 -9.36 14.00
C6 BPH K . -17.45 -9.87 13.11
C7 BPH K . -18.01 -10.43 11.81
C8 BPH K . -17.17 -11.45 10.98
C9 BPH K . -15.99 -10.79 10.23
C10 BPH K . -18.11 -12.20 10.01
C11 BPH K . -19.00 -11.64 8.90
C12 BPH K . -19.77 -12.74 8.12
C13 BPH K . -20.85 -12.30 7.11
C14 BPH K . -21.81 -11.25 7.65
C15 BPH K . -21.63 -13.60 6.81
C16 BPH K . -23.02 -13.56 6.18
C17 BPH K . -23.67 -14.93 5.87
C18 BPH K . -23.96 -15.85 7.06
C19 BPH K . -24.26 -17.22 6.42
C20 BPH K . -25.15 -15.41 7.95
#